data_5QAU
#
_entry.id   5QAU
#
_cell.length_a   89.695
_cell.length_b   108.732
_cell.length_c   124.164
_cell.angle_alpha   90.000
_cell.angle_beta   90.000
_cell.angle_gamma   90.000
#
_symmetry.space_group_name_H-M   'P 21 21 21'
#
loop_
_entity.id
_entity.type
_entity.pdbx_description
1 polymer Beta-lactamase
2 non-polymer 'CHLORIDE ION'
3 non-polymer 1,2-ETHANEDIOL
4 non-polymer '3-[3-(1~{H}-1,2,3,4-tetrazol-5-yl)phenyl]benzoic acid'
5 water water
#
_entity_poly.entity_id   1
_entity_poly.type   'polypeptide(L)'
_entity_poly.pdbx_seq_one_letter_code
;KEWQENKSWNAHFTEHKSQGVVVLWNENKQQGFTNNLKRANQAFLPASTF(KCX)IPNSLIALDLGVVKDEHQVFKWDGQ
TRDIATWNRDHNLITAMKYSVVPVYQEFARQIGEARMSKMLHAFDYGNEDISGNVDSFWLDGGIRISATEQISFLRKLYH
NKLHVSERSQRIVKQAMLTEANGDYIIRAKTGYSTRIEPKIGWWVGWVELDDNVWFFAMNMDMPTSDGLGLRQAITKEVL
KQEKIIP
;
_entity_poly.pdbx_strand_id   A,B,C,D
#
loop_
_chem_comp.id
_chem_comp.type
_chem_comp.name
_chem_comp.formula
CL non-polymer 'CHLORIDE ION' 'Cl -1'
EDO non-polymer 1,2-ETHANEDIOL 'C2 H6 O2'
V7V non-polymer '3-[3-(1~{H}-1,2,3,4-tetrazol-5-yl)phenyl]benzoic acid' 'C14 H10 N4 O2'
#
# COMPACT_ATOMS: atom_id res chain seq x y z
N GLU A 2 -6.90 -22.23 -48.25
CA GLU A 2 -8.14 -21.53 -48.53
C GLU A 2 -8.66 -20.87 -47.24
N TRP A 3 -9.30 -19.73 -47.42
CA TRP A 3 -9.78 -18.89 -46.33
C TRP A 3 -11.23 -18.52 -46.57
N GLN A 4 -12.02 -18.54 -45.51
CA GLN A 4 -13.42 -18.19 -45.60
C GLN A 4 -13.76 -17.13 -44.57
N GLU A 5 -14.52 -16.12 -45.00
CA GLU A 5 -14.95 -15.06 -44.11
C GLU A 5 -16.38 -15.35 -43.68
N ASN A 6 -16.59 -15.39 -42.36
CA ASN A 6 -17.89 -15.68 -41.77
C ASN A 6 -18.26 -14.48 -40.90
N LYS A 7 -18.97 -13.51 -41.50
CA LYS A 7 -19.32 -12.32 -40.75
C LYS A 7 -20.38 -12.56 -39.69
N SER A 8 -20.99 -13.74 -39.65
CA SER A 8 -21.96 -14.01 -38.61
C SER A 8 -21.32 -13.99 -37.23
N TRP A 9 -20.01 -14.26 -37.13
CA TRP A 9 -19.34 -14.17 -35.85
C TRP A 9 -19.30 -12.74 -35.33
N ASN A 10 -19.48 -11.73 -36.19
CA ASN A 10 -19.48 -10.35 -35.72
C ASN A 10 -20.53 -10.14 -34.65
N ALA A 11 -21.60 -10.93 -34.67
CA ALA A 11 -22.63 -10.82 -33.66
C ALA A 11 -22.06 -11.03 -32.26
N HIS A 12 -21.07 -11.92 -32.13
CA HIS A 12 -20.50 -12.17 -30.81
C HIS A 12 -19.74 -10.96 -30.28
N PHE A 13 -19.20 -10.12 -31.17
CA PHE A 13 -18.54 -8.91 -30.71
C PHE A 13 -19.55 -7.80 -30.44
N THR A 14 -20.47 -7.57 -31.39
CA THR A 14 -21.38 -6.44 -31.26
C THR A 14 -22.35 -6.63 -30.11
N GLU A 15 -22.74 -7.88 -29.83
CA GLU A 15 -23.60 -8.14 -28.67
C GLU A 15 -22.94 -7.74 -27.36
N HIS A 16 -21.61 -7.64 -27.32
CA HIS A 16 -20.89 -7.12 -26.16
C HIS A 16 -20.36 -5.73 -26.41
N LYS A 17 -20.95 -5.01 -27.37
CA LYS A 17 -20.55 -3.64 -27.68
C LYS A 17 -19.04 -3.53 -27.86
N SER A 18 -18.46 -4.53 -28.49
CA SER A 18 -17.03 -4.61 -28.76
C SER A 18 -16.81 -4.81 -30.26
N GLN A 19 -15.54 -4.78 -30.65
CA GLN A 19 -15.10 -5.02 -32.02
C GLN A 19 -13.83 -5.84 -31.99
N GLY A 20 -13.68 -6.75 -32.95
CA GLY A 20 -12.50 -7.60 -32.95
C GLY A 20 -12.53 -8.62 -34.06
N VAL A 21 -11.57 -9.55 -33.97
CA VAL A 21 -11.42 -10.59 -34.98
C VAL A 21 -11.09 -11.89 -34.27
N VAL A 22 -11.73 -12.97 -34.73
CA VAL A 22 -11.34 -14.33 -34.39
C VAL A 22 -10.86 -15.00 -35.67
N VAL A 23 -9.74 -15.68 -35.59
CA VAL A 23 -9.22 -16.48 -36.69
C VAL A 23 -9.13 -17.92 -36.19
N LEU A 24 -9.71 -18.84 -36.96
CA LEU A 24 -9.64 -20.27 -36.67
C LEU A 24 -8.94 -20.97 -37.81
N TRP A 25 -8.15 -21.99 -37.48
CA TRP A 25 -7.50 -22.84 -38.47
C TRP A 25 -7.77 -24.31 -38.14
N ASN A 26 -8.38 -25.01 -39.09
CA ASN A 26 -8.68 -26.44 -38.98
C ASN A 26 -7.47 -27.21 -39.51
N GLU A 27 -6.71 -27.82 -38.61
CA GLU A 27 -5.44 -28.42 -39.02
C GLU A 27 -5.67 -29.58 -39.99
N ASN A 28 -6.65 -30.45 -39.70
CA ASN A 28 -6.90 -31.59 -40.58
C ASN A 28 -7.24 -31.13 -41.98
N LYS A 29 -8.13 -30.15 -42.10
CA LYS A 29 -8.61 -29.73 -43.40
C LYS A 29 -7.74 -28.65 -44.03
N GLN A 30 -6.80 -28.09 -43.27
CA GLN A 30 -5.96 -26.99 -43.74
C GLN A 30 -6.81 -25.86 -44.31
N GLN A 31 -7.81 -25.45 -43.52
CA GLN A 31 -8.73 -24.39 -43.90
C GLN A 31 -8.83 -23.40 -42.75
N GLY A 32 -8.90 -22.11 -43.09
CA GLY A 32 -8.98 -21.06 -42.10
C GLY A 32 -10.31 -20.33 -42.18
N PHE A 33 -10.71 -19.70 -41.08
CA PHE A 33 -12.00 -19.03 -40.99
C PHE A 33 -11.83 -17.78 -40.13
N THR A 34 -12.44 -16.67 -40.56
CA THR A 34 -12.38 -15.46 -39.75
C THR A 34 -13.61 -14.61 -40.03
N ASN A 35 -13.97 -13.77 -39.06
CA ASN A 35 -15.06 -12.82 -39.28
C ASN A 35 -14.62 -11.56 -40.02
N ASN A 36 -13.32 -11.31 -40.13
CA ASN A 36 -12.84 -10.05 -40.68
C ASN A 36 -11.46 -10.31 -41.28
N LEU A 37 -11.42 -10.55 -42.58
CA LEU A 37 -10.15 -10.84 -43.25
C LEU A 37 -9.17 -9.69 -43.11
N LYS A 38 -9.64 -8.44 -43.19
CA LYS A 38 -8.70 -7.34 -43.04
C LYS A 38 -8.06 -7.35 -41.65
N ARG A 39 -8.88 -7.38 -40.60
CA ARG A 39 -8.32 -7.28 -39.26
C ARG A 39 -7.52 -8.53 -38.89
N ALA A 40 -7.88 -9.68 -39.46
CA ALA A 40 -7.07 -10.88 -39.27
C ALA A 40 -5.63 -10.67 -39.70
N ASN A 41 -5.39 -9.75 -40.64
CA ASN A 41 -4.05 -9.50 -41.15
C ASN A 41 -3.46 -8.17 -40.71
N GLN A 42 -4.12 -7.44 -39.83
CA GLN A 42 -3.56 -6.24 -39.24
C GLN A 42 -2.65 -6.56 -38.06
N ALA A 43 -1.54 -5.84 -37.99
CA ALA A 43 -0.46 -6.14 -37.04
C ALA A 43 -0.58 -5.29 -35.79
N PHE A 44 -0.57 -5.94 -34.63
CA PHE A 44 -0.66 -5.27 -33.34
C PHE A 44 0.54 -5.65 -32.48
N LEU A 45 0.79 -4.85 -31.45
CA LEU A 45 1.73 -5.25 -30.42
C LEU A 45 1.33 -6.61 -29.86
N PRO A 46 2.28 -7.53 -29.66
CA PRO A 46 1.90 -8.85 -29.11
C PRO A 46 1.60 -8.83 -27.63
N ALA A 47 2.13 -7.85 -26.90
CA ALA A 47 2.03 -7.78 -25.45
C ALA A 47 2.31 -9.16 -24.87
N SER A 48 1.53 -9.62 -23.89
CA SER A 48 1.94 -10.83 -23.19
C SER A 48 1.85 -12.09 -24.04
N THR A 49 1.26 -12.05 -25.24
CA THR A 49 1.41 -13.22 -26.10
C THR A 49 2.86 -13.43 -26.47
N PHE A 50 3.70 -12.43 -26.28
CA PHE A 50 5.12 -12.57 -26.57
C PHE A 50 5.78 -13.52 -25.59
N KCX A 51 5.13 -13.84 -24.49
CA KCX A 51 5.74 -14.73 -23.51
CB KCX A 51 4.91 -14.76 -22.23
CG KCX A 51 5.03 -13.46 -21.42
CD KCX A 51 4.29 -13.51 -20.10
CE KCX A 51 4.56 -12.23 -19.28
NZ KCX A 51 3.98 -11.06 -19.97
C KCX A 51 5.93 -16.14 -24.11
O KCX A 51 6.73 -16.91 -23.61
CX KCX A 51 4.71 -10.17 -20.68
OQ1 KCX A 51 4.13 -9.22 -21.25
OQ2 KCX A 51 5.94 -10.27 -20.78
H KCX A 51 4.34 -13.56 -24.28
HA KCX A 51 6.51 -14.42 -23.31
HB2 KCX A 51 4.09 -14.87 -22.43
HG2 KCX A 51 4.71 -12.83 -21.88
HD2 KCX A 51 4.57 -14.17 -19.65
HE2 KCX A 51 4.16 -12.30 -18.53
N ILE A 52 5.22 -16.45 -25.19
CA ILE A 52 5.46 -17.74 -25.84
C ILE A 52 6.84 -17.76 -26.50
N PRO A 53 7.13 -16.88 -27.46
CA PRO A 53 8.50 -16.90 -28.02
C PRO A 53 9.56 -16.60 -26.99
N ASN A 54 9.29 -15.68 -26.06
CA ASN A 54 10.28 -15.33 -25.04
C ASN A 54 10.64 -16.55 -24.20
N SER A 55 9.64 -17.33 -23.79
CA SER A 55 9.90 -18.55 -23.04
C SER A 55 10.76 -19.52 -23.83
N LEU A 56 10.44 -19.71 -25.12
CA LEU A 56 11.19 -20.64 -25.96
C LEU A 56 12.65 -20.27 -26.03
N ILE A 57 12.91 -18.98 -26.24
CA ILE A 57 14.27 -18.50 -26.41
C ILE A 57 15.02 -18.64 -25.10
N ALA A 58 14.38 -18.25 -23.99
CA ALA A 58 15.01 -18.34 -22.68
C ALA A 58 15.38 -19.78 -22.35
N LEU A 59 14.50 -20.72 -22.67
CA LEU A 59 14.81 -22.13 -22.41
C LEU A 59 15.92 -22.62 -23.32
N ASP A 60 15.87 -22.28 -24.61
CA ASP A 60 16.86 -22.86 -25.52
C ASP A 60 18.24 -22.33 -25.25
N LEU A 61 18.36 -21.13 -24.73
CA LEU A 61 19.66 -20.55 -24.41
C LEU A 61 20.14 -20.90 -23.01
N GLY A 62 19.30 -21.56 -22.22
CA GLY A 62 19.69 -21.87 -20.87
C GLY A 62 19.51 -20.74 -19.88
N VAL A 63 18.89 -19.62 -20.30
CA VAL A 63 18.55 -18.58 -19.35
C VAL A 63 17.57 -19.12 -18.31
N VAL A 64 16.65 -19.97 -18.73
CA VAL A 64 15.76 -20.73 -17.86
C VAL A 64 16.15 -22.19 -17.97
N LYS A 65 16.46 -22.81 -16.84
CA LYS A 65 16.94 -24.20 -16.88
C LYS A 65 15.79 -25.17 -17.12
N ASP A 66 14.66 -24.97 -16.46
CA ASP A 66 13.50 -25.84 -16.61
C ASP A 66 12.29 -25.14 -16.00
N GLU A 67 11.15 -25.83 -16.02
CA GLU A 67 9.91 -25.20 -15.60
C GLU A 67 9.77 -25.14 -14.09
N HIS A 68 10.74 -25.66 -13.34
CA HIS A 68 10.74 -25.61 -11.89
C HIS A 68 11.62 -24.51 -11.32
N GLN A 69 12.55 -23.99 -12.10
CA GLN A 69 13.44 -22.94 -11.62
C GLN A 69 12.64 -21.78 -11.06
N VAL A 70 13.01 -21.33 -9.86
CA VAL A 70 12.27 -20.26 -9.18
C VAL A 70 12.91 -18.91 -9.49
N PHE A 71 12.09 -17.98 -9.97
CA PHE A 71 12.50 -16.60 -10.19
C PHE A 71 12.00 -15.79 -9.00
N LYS A 72 12.92 -15.42 -8.13
CA LYS A 72 12.54 -14.79 -6.87
C LYS A 72 11.98 -13.41 -7.15
N TRP A 73 10.90 -13.07 -6.43
CA TRP A 73 10.39 -11.70 -6.44
C TRP A 73 11.51 -10.74 -6.08
N ASP A 74 11.61 -9.64 -6.84
CA ASP A 74 12.66 -8.67 -6.55
C ASP A 74 12.31 -7.79 -5.37
N GLY A 75 11.18 -8.02 -4.70
CA GLY A 75 10.85 -7.24 -3.52
C GLY A 75 10.26 -5.88 -3.82
N GLN A 76 10.04 -5.56 -5.09
CA GLN A 76 9.38 -4.30 -5.45
C GLN A 76 7.89 -4.53 -5.55
N THR A 77 7.12 -3.81 -4.74
CA THR A 77 5.67 -3.97 -4.75
C THR A 77 5.07 -3.39 -6.01
N ARG A 78 4.38 -4.23 -6.79
CA ARG A 78 3.67 -3.81 -7.99
C ARG A 78 2.16 -3.93 -7.79
N ASP A 79 1.38 -3.34 -8.72
CA ASP A 79 -0.05 -3.26 -8.50
C ASP A 79 -0.79 -4.55 -8.85
N ILE A 80 -0.13 -5.51 -9.45
CA ILE A 80 -0.72 -6.83 -9.67
C ILE A 80 -0.25 -7.74 -8.54
N ALA A 81 -1.15 -8.06 -7.63
CA ALA A 81 -0.76 -8.78 -6.42
C ALA A 81 -0.07 -10.10 -6.75
N THR A 82 -0.54 -10.82 -7.77
CA THR A 82 0.07 -12.11 -8.07
C THR A 82 1.50 -11.98 -8.55
N TRP A 83 1.94 -10.78 -8.95
CA TRP A 83 3.33 -10.58 -9.32
C TRP A 83 4.27 -10.43 -8.12
N ASN A 84 3.74 -10.14 -6.92
CA ASN A 84 4.59 -9.85 -5.75
C ASN A 84 4.88 -11.15 -5.00
N ARG A 85 5.47 -12.08 -5.72
CA ARG A 85 5.71 -13.43 -5.22
C ARG A 85 6.75 -14.11 -6.10
N ASP A 86 7.27 -15.22 -5.63
CA ASP A 86 8.18 -16.01 -6.43
C ASP A 86 7.38 -16.73 -7.52
N HIS A 87 8.03 -16.98 -8.66
CA HIS A 87 7.40 -17.66 -9.79
C HIS A 87 8.33 -18.66 -10.42
N ASN A 88 7.75 -19.67 -11.07
CA ASN A 88 8.46 -20.49 -12.04
C ASN A 88 7.88 -20.20 -13.41
N LEU A 89 8.35 -20.93 -14.43
CA LEU A 89 7.85 -20.65 -15.78
C LEU A 89 6.35 -20.86 -15.87
N ILE A 90 5.84 -21.91 -15.20
CA ILE A 90 4.42 -22.22 -15.29
C ILE A 90 3.59 -21.08 -14.69
N THR A 91 3.91 -20.67 -13.47
CA THR A 91 3.08 -19.64 -12.83
C THR A 91 3.35 -18.28 -13.46
N ALA A 92 4.55 -18.03 -13.95
CA ALA A 92 4.83 -16.75 -14.61
C ALA A 92 4.02 -16.61 -15.89
N MET A 93 3.84 -17.71 -16.63
CA MET A 93 2.96 -17.66 -17.80
C MET A 93 1.50 -17.49 -17.37
N LYS A 94 1.06 -18.28 -16.38
CA LYS A 94 -0.32 -18.25 -15.93
C LYS A 94 -0.74 -16.84 -15.51
N TYR A 95 0.11 -16.13 -14.76
CA TYR A 95 -0.25 -14.82 -14.22
C TYR A 95 0.36 -13.68 -15.02
N SER A 96 0.88 -13.95 -16.23
CA SER A 96 1.45 -12.94 -17.12
C SER A 96 2.43 -12.04 -16.39
N VAL A 97 3.42 -12.65 -15.75
CA VAL A 97 4.26 -11.90 -14.83
C VAL A 97 5.34 -11.16 -15.61
N VAL A 98 5.00 -9.96 -16.07
CA VAL A 98 5.90 -9.16 -16.91
C VAL A 98 7.31 -9.06 -16.33
N PRO A 99 7.51 -8.67 -15.07
CA PRO A 99 8.90 -8.42 -14.64
C PRO A 99 9.78 -9.65 -14.71
N VAL A 100 9.22 -10.86 -14.59
CA VAL A 100 10.04 -12.06 -14.77
C VAL A 100 10.51 -12.15 -16.22
N TYR A 101 9.61 -11.87 -17.15
CA TYR A 101 9.96 -11.96 -18.57
C TYR A 101 10.84 -10.81 -19.01
N GLN A 102 10.73 -9.65 -18.37
CA GLN A 102 11.66 -8.57 -18.67
C GLN A 102 13.09 -8.97 -18.34
N GLU A 103 13.29 -9.66 -17.22
CA GLU A 103 14.63 -10.11 -16.89
C GLU A 103 15.10 -11.18 -17.89
N PHE A 104 14.21 -12.09 -18.33
CA PHE A 104 14.60 -13.04 -19.37
C PHE A 104 15.16 -12.29 -20.57
N ALA A 105 14.43 -11.26 -21.03
CA ALA A 105 14.83 -10.54 -22.24
C ALA A 105 16.18 -9.86 -22.07
N ARG A 106 16.44 -9.30 -20.89
CA ARG A 106 17.73 -8.69 -20.62
C ARG A 106 18.85 -9.71 -20.72
N GLN A 107 18.63 -10.92 -20.22
CA GLN A 107 19.66 -11.95 -20.26
C GLN A 107 19.82 -12.53 -21.66
N ILE A 108 18.72 -12.68 -22.40
CA ILE A 108 18.81 -13.06 -23.80
C ILE A 108 19.63 -12.04 -24.58
N GLY A 109 19.29 -10.76 -24.43
CA GLY A 109 19.99 -9.71 -25.11
C GLY A 109 19.44 -9.44 -26.50
N GLU A 110 19.71 -8.22 -26.99
CA GLU A 110 19.15 -7.75 -28.26
C GLU A 110 19.54 -8.65 -29.42
N ALA A 111 20.83 -8.96 -29.54
CA ALA A 111 21.29 -9.69 -30.72
C ALA A 111 20.66 -11.06 -30.80
N ARG A 112 20.68 -11.81 -29.70
CA ARG A 112 20.12 -13.17 -29.74
C ARG A 112 18.61 -13.13 -29.89
N MET A 113 17.95 -12.18 -29.24
CA MET A 113 16.51 -12.06 -29.41
C MET A 113 16.15 -11.79 -30.87
N SER A 114 16.88 -10.89 -31.51
CA SER A 114 16.57 -10.54 -32.89
C SER A 114 16.79 -11.74 -33.82
N LYS A 115 17.92 -12.42 -33.65
CA LYS A 115 18.21 -13.59 -34.48
C LYS A 115 17.14 -14.66 -34.32
N MET A 116 16.65 -14.86 -33.10
CA MET A 116 15.69 -15.93 -32.85
C MET A 116 14.31 -15.58 -33.39
N LEU A 117 13.89 -14.32 -33.27
CA LEU A 117 12.59 -13.96 -33.83
C LEU A 117 12.59 -14.11 -35.35
N HIS A 118 13.71 -13.83 -36.01
CA HIS A 118 13.80 -14.06 -37.45
C HIS A 118 13.76 -15.55 -37.75
N ALA A 119 14.46 -16.38 -36.97
CA ALA A 119 14.40 -17.82 -37.18
C ALA A 119 12.99 -18.34 -37.00
N PHE A 120 12.21 -17.75 -36.09
CA PHE A 120 10.82 -18.12 -35.88
C PHE A 120 9.87 -17.53 -36.91
N ASP A 121 10.35 -16.65 -37.78
CA ASP A 121 9.49 -15.92 -38.71
C ASP A 121 8.39 -15.17 -37.96
N TYR A 122 8.71 -14.66 -36.77
CA TYR A 122 7.71 -14.16 -35.83
C TYR A 122 7.33 -12.72 -36.16
N GLY A 123 6.12 -12.53 -36.65
CA GLY A 123 5.60 -11.19 -36.87
C GLY A 123 6.49 -10.41 -37.80
N ASN A 124 6.68 -9.12 -37.50
CA ASN A 124 7.59 -8.30 -38.29
C ASN A 124 9.03 -8.43 -37.81
N GLU A 125 9.29 -9.29 -36.82
CA GLU A 125 10.65 -9.67 -36.40
C GLU A 125 11.48 -8.47 -35.93
N ASP A 126 10.82 -7.37 -35.55
CA ASP A 126 11.47 -6.09 -35.28
C ASP A 126 11.44 -5.83 -33.78
N ILE A 127 12.61 -5.86 -33.13
CA ILE A 127 12.68 -5.66 -31.70
C ILE A 127 13.06 -4.22 -31.35
N SER A 128 12.90 -3.29 -32.31
CA SER A 128 13.21 -1.89 -32.03
C SER A 128 12.52 -1.45 -30.75
N GLY A 129 13.25 -0.67 -29.94
CA GLY A 129 12.73 -0.25 -28.66
C GLY A 129 13.62 -0.78 -27.55
N ASN A 130 13.13 -0.73 -26.33
CA ASN A 130 13.91 -1.20 -25.19
C ASN A 130 13.86 -2.73 -25.13
N VAL A 131 15.01 -3.35 -24.91
CA VAL A 131 15.04 -4.80 -24.89
C VAL A 131 14.13 -5.37 -23.81
N ASP A 132 13.84 -4.60 -22.75
CA ASP A 132 12.99 -5.11 -21.69
C ASP A 132 11.55 -4.63 -21.82
N SER A 133 11.17 -4.02 -22.96
CA SER A 133 9.76 -3.65 -23.11
C SER A 133 9.28 -3.62 -24.55
N PHE A 134 10.07 -4.09 -25.53
CA PHE A 134 9.71 -3.83 -26.92
C PHE A 134 8.38 -4.49 -27.31
N TRP A 135 8.01 -5.59 -26.67
CA TRP A 135 6.75 -6.26 -26.96
C TRP A 135 5.54 -5.54 -26.38
N LEU A 136 5.78 -4.51 -25.56
CA LEU A 136 4.73 -3.68 -24.98
C LEU A 136 4.66 -2.31 -25.61
N ASP A 137 5.82 -1.73 -25.98
CA ASP A 137 5.79 -0.39 -26.53
C ASP A 137 6.88 -0.14 -27.56
N GLY A 138 7.46 -1.18 -28.13
CA GLY A 138 8.47 -1.07 -29.15
C GLY A 138 7.88 -1.26 -30.52
N GLY A 139 8.73 -1.68 -31.45
CA GLY A 139 8.35 -1.74 -32.86
C GLY A 139 7.82 -3.07 -33.31
N ILE A 140 7.79 -4.08 -32.45
CA ILE A 140 7.37 -5.41 -32.89
C ILE A 140 5.86 -5.43 -33.07
N ARG A 141 5.41 -6.15 -34.10
CA ARG A 141 4.01 -6.26 -34.42
C ARG A 141 3.75 -7.67 -34.97
N ILE A 142 2.55 -8.17 -34.70
CA ILE A 142 2.14 -9.47 -35.23
C ILE A 142 0.64 -9.46 -35.43
N SER A 143 0.20 -10.10 -36.52
CA SER A 143 -1.21 -10.25 -36.82
C SER A 143 -1.75 -11.57 -36.26
N ALA A 144 -3.07 -11.68 -36.24
CA ALA A 144 -3.72 -12.92 -35.81
C ALA A 144 -3.36 -14.08 -36.72
N THR A 145 -3.31 -13.85 -38.05
CA THR A 145 -2.93 -14.96 -38.92
C THR A 145 -1.48 -15.35 -38.71
N GLU A 146 -0.62 -14.35 -38.47
CA GLU A 146 0.78 -14.64 -38.14
C GLU A 146 0.90 -15.38 -36.81
N GLN A 147 0.05 -15.08 -35.82
CA GLN A 147 0.07 -15.87 -34.59
C GLN A 147 -0.20 -17.34 -34.88
N ILE A 148 -1.19 -17.62 -35.72
CA ILE A 148 -1.53 -19.00 -36.05
C ILE A 148 -0.36 -19.69 -36.75
N SER A 149 0.30 -19.02 -37.71
CA SER A 149 1.43 -19.66 -38.40
C SER A 149 2.51 -20.05 -37.41
N PHE A 150 2.78 -19.17 -36.45
CA PHE A 150 3.82 -19.43 -35.44
C PHE A 150 3.41 -20.57 -34.52
N LEU A 151 2.16 -20.56 -34.05
CA LEU A 151 1.67 -21.61 -33.15
C LEU A 151 1.63 -22.97 -33.83
N ARG A 152 1.30 -23.02 -35.12
CA ARG A 152 1.31 -24.30 -35.81
C ARG A 152 2.70 -24.90 -35.83
N LYS A 153 3.73 -24.06 -36.02
CA LYS A 153 5.10 -24.57 -35.94
C LYS A 153 5.39 -25.11 -34.55
N LEU A 154 5.01 -24.37 -33.52
CA LEU A 154 5.23 -24.83 -32.15
C LEU A 154 4.54 -26.16 -31.90
N TYR A 155 3.26 -26.26 -32.28
CA TYR A 155 2.53 -27.49 -32.09
C TYR A 155 3.28 -28.68 -32.68
N HIS A 156 3.85 -28.51 -33.88
CA HIS A 156 4.53 -29.60 -34.59
C HIS A 156 6.01 -29.71 -34.26
N ASN A 157 6.50 -28.97 -33.26
CA ASN A 157 7.92 -28.95 -32.87
C ASN A 157 8.84 -28.55 -34.01
N LYS A 158 8.36 -27.68 -34.90
CA LYS A 158 9.11 -27.29 -36.08
C LYS A 158 9.85 -25.96 -35.91
N LEU A 159 9.74 -25.29 -34.77
CA LEU A 159 10.53 -24.09 -34.57
C LEU A 159 12.00 -24.47 -34.38
N HIS A 160 12.88 -23.49 -34.65
CA HIS A 160 14.32 -23.73 -34.62
C HIS A 160 14.86 -23.55 -33.20
N VAL A 161 14.25 -24.31 -32.28
CA VAL A 161 14.78 -24.55 -30.95
C VAL A 161 14.58 -26.04 -30.68
N SER A 162 15.08 -26.51 -29.54
CA SER A 162 15.04 -27.94 -29.31
C SER A 162 13.60 -28.42 -29.11
N GLU A 163 13.39 -29.72 -29.34
CA GLU A 163 12.11 -30.32 -29.01
C GLU A 163 11.77 -30.09 -27.54
N ARG A 164 12.76 -30.19 -26.66
CA ARG A 164 12.52 -30.03 -25.23
C ARG A 164 11.95 -28.65 -24.92
N SER A 165 12.57 -27.61 -25.48
CA SER A 165 12.09 -26.25 -25.25
C SER A 165 10.64 -26.10 -25.69
N GLN A 166 10.30 -26.71 -26.83
CA GLN A 166 8.92 -26.58 -27.32
C GLN A 166 7.94 -27.34 -26.44
N ARG A 167 8.31 -28.54 -25.97
CA ARG A 167 7.44 -29.27 -25.08
C ARG A 167 7.21 -28.53 -23.77
N ILE A 168 8.26 -27.92 -23.21
CA ILE A 168 8.09 -27.20 -21.96
C ILE A 168 7.16 -26.01 -22.15
N VAL A 169 7.33 -25.26 -23.25
CA VAL A 169 6.47 -24.10 -23.42
C VAL A 169 5.03 -24.51 -23.66
N LYS A 170 4.80 -25.59 -24.41
CA LYS A 170 3.43 -26.05 -24.58
C LYS A 170 2.83 -26.55 -23.26
N GLN A 171 3.64 -27.14 -22.38
CA GLN A 171 3.16 -27.45 -21.04
C GLN A 171 2.75 -26.17 -20.32
N ALA A 172 3.60 -25.14 -20.38
CA ALA A 172 3.33 -23.88 -19.70
C ALA A 172 2.11 -23.17 -20.26
N MET A 173 1.75 -23.44 -21.51
CA MET A 173 0.56 -22.84 -22.11
C MET A 173 -0.73 -23.53 -21.70
N LEU A 174 -0.66 -24.66 -21.01
CA LEU A 174 -1.89 -25.35 -20.64
C LEU A 174 -2.82 -24.42 -19.88
N THR A 175 -4.02 -24.25 -20.39
CA THR A 175 -5.02 -23.35 -19.84
C THR A 175 -6.25 -24.08 -19.33
N GLU A 176 -6.73 -25.08 -20.08
CA GLU A 176 -7.94 -25.78 -19.71
C GLU A 176 -7.88 -27.20 -20.28
N ALA A 177 -8.43 -28.14 -19.54
CA ALA A 177 -8.55 -29.51 -20.02
C ALA A 177 -9.72 -30.20 -19.34
N ASN A 178 -10.45 -30.97 -20.12
CA ASN A 178 -11.53 -31.77 -19.59
C ASN A 178 -11.68 -32.98 -20.52
N GLY A 179 -12.74 -33.75 -20.32
CA GLY A 179 -12.95 -34.92 -21.15
C GLY A 179 -13.26 -34.63 -22.60
N ASP A 180 -13.51 -33.37 -22.96
CA ASP A 180 -13.88 -33.02 -24.32
C ASP A 180 -12.77 -32.33 -25.11
N TYR A 181 -11.91 -31.56 -24.46
CA TYR A 181 -10.89 -30.81 -25.18
C TYR A 181 -9.79 -30.37 -24.22
N ILE A 182 -8.69 -29.96 -24.80
CA ILE A 182 -7.56 -29.31 -24.14
C ILE A 182 -7.33 -27.99 -24.84
N ILE A 183 -7.18 -26.92 -24.07
CA ILE A 183 -6.78 -25.63 -24.62
C ILE A 183 -5.39 -25.28 -24.09
N ARG A 184 -4.47 -25.01 -25.01
CA ARG A 184 -3.18 -24.42 -24.72
C ARG A 184 -3.17 -23.03 -25.34
N ALA A 185 -2.90 -22.00 -24.54
CA ALA A 185 -3.12 -20.66 -25.05
C ALA A 185 -2.38 -19.65 -24.18
N LYS A 186 -2.35 -18.41 -24.67
CA LYS A 186 -1.79 -17.28 -23.94
C LYS A 186 -2.60 -16.03 -24.21
N THR A 187 -2.95 -15.31 -23.13
CA THR A 187 -3.62 -14.03 -23.23
C THR A 187 -2.61 -12.90 -23.44
N GLY A 188 -3.12 -11.80 -23.97
CA GLY A 188 -2.36 -10.57 -24.05
C GLY A 188 -3.26 -9.39 -23.82
N TYR A 189 -2.65 -8.30 -23.35
CA TYR A 189 -3.36 -7.05 -23.08
C TYR A 189 -2.40 -5.91 -23.40
N SER A 190 -2.68 -5.22 -24.48
CA SER A 190 -1.80 -4.16 -24.99
C SER A 190 -2.45 -2.81 -24.74
N THR A 191 -1.83 -1.98 -23.88
CA THR A 191 -2.41 -0.69 -23.55
C THR A 191 -1.49 0.50 -23.83
N ARG A 192 -0.20 0.29 -24.08
CA ARG A 192 0.71 1.43 -24.18
C ARG A 192 0.68 2.10 -25.54
N ILE A 193 0.21 1.41 -26.57
CA ILE A 193 0.13 1.97 -27.91
C ILE A 193 -1.28 1.74 -28.43
N GLU A 194 -1.87 2.78 -29.02
CA GLU A 194 -3.22 2.67 -29.55
C GLU A 194 -3.25 1.83 -30.82
N PRO A 195 -4.34 1.09 -31.07
CA PRO A 195 -5.53 0.94 -30.23
C PRO A 195 -5.31 -0.08 -29.13
N LYS A 196 -5.85 0.17 -27.94
CA LYS A 196 -5.72 -0.80 -26.87
C LYS A 196 -6.51 -2.05 -27.23
N ILE A 197 -5.88 -3.21 -27.07
CA ILE A 197 -6.50 -4.47 -27.45
C ILE A 197 -6.22 -5.56 -26.43
N GLY A 198 -7.07 -6.58 -26.47
CA GLY A 198 -6.81 -7.84 -25.80
C GLY A 198 -6.58 -8.92 -26.84
N TRP A 199 -5.74 -9.88 -26.49
CA TRP A 199 -5.41 -11.04 -27.32
C TRP A 199 -5.80 -12.32 -26.60
N TRP A 200 -6.13 -13.36 -27.37
CA TRP A 200 -6.04 -14.73 -26.89
C TRP A 200 -5.65 -15.58 -28.08
N VAL A 201 -4.53 -16.29 -27.98
CA VAL A 201 -4.02 -17.11 -29.07
C VAL A 201 -3.66 -18.49 -28.52
N GLY A 202 -3.89 -19.52 -29.33
CA GLY A 202 -3.54 -20.87 -28.91
C GLY A 202 -4.19 -21.89 -29.80
N TRP A 203 -4.56 -23.01 -29.20
CA TRP A 203 -5.26 -24.03 -29.94
C TRP A 203 -6.07 -24.91 -29.01
N VAL A 204 -7.02 -25.61 -29.63
CA VAL A 204 -7.91 -26.56 -29.00
C VAL A 204 -7.57 -27.95 -29.55
N GLU A 205 -7.17 -28.85 -28.67
CA GLU A 205 -6.87 -30.24 -29.04
C GLU A 205 -8.12 -31.07 -28.84
N LEU A 206 -8.55 -31.75 -29.90
CA LEU A 206 -9.61 -32.74 -29.86
C LEU A 206 -9.01 -34.13 -30.06
N ASP A 207 -9.84 -35.16 -29.91
CA ASP A 207 -9.36 -36.52 -30.10
C ASP A 207 -8.72 -36.68 -31.47
N ASP A 208 -9.34 -36.08 -32.50
CA ASP A 208 -9.02 -36.38 -33.89
C ASP A 208 -8.67 -35.16 -34.72
N ASN A 209 -8.45 -34.00 -34.11
CA ASN A 209 -8.13 -32.78 -34.84
C ASN A 209 -7.59 -31.75 -33.85
N VAL A 210 -6.98 -30.69 -34.40
CA VAL A 210 -6.55 -29.52 -33.65
C VAL A 210 -7.10 -28.29 -34.37
N TRP A 211 -7.69 -27.39 -33.60
CA TRP A 211 -8.17 -26.11 -34.09
C TRP A 211 -7.30 -25.02 -33.48
N PHE A 212 -6.49 -24.36 -34.30
CA PHE A 212 -5.74 -23.20 -33.85
C PHE A 212 -6.62 -21.97 -33.87
N PHE A 213 -6.37 -21.06 -32.93
CA PHE A 213 -7.15 -19.83 -32.89
C PHE A 213 -6.28 -18.65 -32.48
N ALA A 214 -6.69 -17.49 -32.96
CA ALA A 214 -6.08 -16.24 -32.53
C ALA A 214 -7.14 -15.17 -32.64
N MET A 215 -7.34 -14.45 -31.55
CA MET A 215 -8.33 -13.38 -31.53
C MET A 215 -7.69 -12.13 -30.95
N ASN A 216 -8.14 -10.97 -31.43
CA ASN A 216 -7.89 -9.75 -30.68
C ASN A 216 -9.15 -8.90 -30.79
N MET A 217 -9.26 -7.99 -29.82
CA MET A 217 -10.46 -7.19 -29.71
C MET A 217 -10.11 -5.88 -29.04
N ASP A 218 -10.87 -4.85 -29.37
CA ASP A 218 -10.72 -3.55 -28.73
C ASP A 218 -10.96 -3.69 -27.23
N MET A 219 -10.10 -3.04 -26.45
CA MET A 219 -10.09 -3.17 -24.99
C MET A 219 -9.87 -1.80 -24.39
N PRO A 220 -10.88 -0.92 -24.46
CA PRO A 220 -10.71 0.44 -23.94
C PRO A 220 -10.47 0.48 -22.44
N THR A 221 -11.02 -0.48 -21.68
CA THR A 221 -10.74 -0.61 -20.26
C THR A 221 -10.54 -2.08 -19.93
N SER A 222 -9.96 -2.32 -18.76
CA SER A 222 -9.76 -3.68 -18.29
C SER A 222 -11.05 -4.38 -17.95
N ASP A 223 -12.20 -3.68 -17.95
CA ASP A 223 -13.47 -4.29 -17.59
C ASP A 223 -13.82 -5.45 -18.53
N GLY A 224 -13.38 -5.40 -19.78
CA GLY A 224 -13.75 -6.39 -20.77
C GLY A 224 -12.79 -7.54 -20.99
N LEU A 225 -11.77 -7.69 -20.16
CA LEU A 225 -10.71 -8.68 -20.45
C LEU A 225 -11.26 -10.09 -20.53
N GLY A 226 -12.25 -10.42 -19.70
CA GLY A 226 -12.85 -11.74 -19.73
C GLY A 226 -13.54 -12.05 -21.05
N LEU A 227 -13.79 -11.04 -21.87
CA LEU A 227 -14.41 -11.27 -23.17
C LEU A 227 -13.47 -11.92 -24.16
N ARG A 228 -12.15 -11.83 -23.93
CA ARG A 228 -11.21 -12.49 -24.84
C ARG A 228 -11.51 -13.97 -24.92
N GLN A 229 -11.60 -14.63 -23.77
CA GLN A 229 -11.90 -16.06 -23.77
C GLN A 229 -13.37 -16.33 -24.05
N ALA A 230 -14.26 -15.46 -23.52
CA ALA A 230 -15.69 -15.72 -23.65
C ALA A 230 -16.15 -15.62 -25.10
N ILE A 231 -15.69 -14.60 -25.83
CA ILE A 231 -16.07 -14.49 -27.23
C ILE A 231 -15.48 -15.64 -28.04
N THR A 232 -14.20 -15.96 -27.82
CA THR A 232 -13.59 -17.08 -28.52
C THR A 232 -14.39 -18.35 -28.31
N LYS A 233 -14.75 -18.64 -27.07
CA LYS A 233 -15.46 -19.88 -26.81
C LYS A 233 -16.86 -19.86 -27.42
N GLU A 234 -17.53 -18.71 -27.49
CA GLU A 234 -18.81 -18.65 -28.16
C GLU A 234 -18.66 -18.99 -29.64
N VAL A 235 -17.56 -18.56 -30.26
CA VAL A 235 -17.32 -18.92 -31.64
C VAL A 235 -17.07 -20.43 -31.74
N LEU A 236 -16.23 -20.96 -30.84
CA LEU A 236 -15.96 -22.39 -30.87
C LEU A 236 -17.25 -23.18 -30.68
N LYS A 237 -18.13 -22.73 -29.80
CA LYS A 237 -19.39 -23.43 -29.60
C LYS A 237 -20.28 -23.35 -30.84
N GLN A 238 -20.36 -22.17 -31.47
CA GLN A 238 -21.16 -22.03 -32.68
C GLN A 238 -20.68 -22.98 -33.77
N GLU A 239 -19.36 -23.13 -33.91
CA GLU A 239 -18.80 -23.99 -34.94
C GLU A 239 -18.71 -25.45 -34.49
N LYS A 240 -19.31 -25.81 -33.37
CA LYS A 240 -19.39 -27.18 -32.89
C LYS A 240 -18.01 -27.78 -32.65
N ILE A 241 -17.03 -26.92 -32.36
CA ILE A 241 -15.71 -27.43 -32.00
C ILE A 241 -15.69 -27.85 -30.54
N ILE A 242 -16.39 -27.12 -29.67
CA ILE A 242 -16.53 -27.54 -28.27
C ILE A 242 -18.02 -27.54 -27.95
N PRO A 243 -18.44 -28.33 -26.95
CA PRO A 243 -19.84 -28.38 -26.52
C PRO A 243 -20.33 -27.09 -25.87
N GLU B 2 15.68 25.82 9.13
CA GLU B 2 14.74 25.32 10.12
C GLU B 2 13.48 24.81 9.44
N TRP B 3 12.87 23.79 10.05
CA TRP B 3 11.71 23.15 9.48
C TRP B 3 10.63 23.03 10.54
N GLN B 4 9.38 23.27 10.13
CA GLN B 4 8.27 23.16 11.07
C GLN B 4 7.19 22.27 10.48
N GLU B 5 6.69 21.37 11.31
CA GLU B 5 5.65 20.46 10.91
C GLU B 5 4.31 21.03 11.37
N ASN B 6 3.39 21.17 10.42
CA ASN B 6 2.05 21.72 10.66
C ASN B 6 1.05 20.65 10.24
N LYS B 7 0.67 19.79 11.18
CA LYS B 7 -0.24 18.70 10.83
C LYS B 7 -1.65 19.18 10.57
N SER B 8 -1.96 20.45 10.82
CA SER B 8 -3.30 20.91 10.49
C SER B 8 -3.57 20.87 8.99
N TRP B 9 -2.52 20.92 8.16
CA TRP B 9 -2.74 20.79 6.73
C TRP B 9 -3.23 19.40 6.35
N ASN B 10 -3.04 18.39 7.20
CA ASN B 10 -3.55 17.07 6.87
C ASN B 10 -5.04 17.11 6.61
N ALA B 11 -5.74 18.08 7.22
CA ALA B 11 -7.16 18.23 6.99
C ALA B 11 -7.47 18.41 5.51
N HIS B 12 -6.60 19.11 4.78
CA HIS B 12 -6.86 19.33 3.36
C HIS B 12 -6.76 18.05 2.55
N PHE B 13 -5.96 17.07 3.01
CA PHE B 13 -5.89 15.78 2.33
C PHE B 13 -7.06 14.89 2.74
N THR B 14 -7.34 14.82 4.05
CA THR B 14 -8.38 13.92 4.54
C THR B 14 -9.77 14.36 4.07
N GLU B 15 -10.01 15.66 3.94
CA GLU B 15 -11.30 16.11 3.42
C GLU B 15 -11.54 15.60 2.01
N HIS B 16 -10.48 15.31 1.26
CA HIS B 16 -10.60 14.75 -0.07
C HIS B 16 -10.29 13.26 -0.10
N LYS B 17 -10.40 12.60 1.05
CA LYS B 17 -10.17 11.16 1.16
C LYS B 17 -8.84 10.79 0.52
N SER B 18 -7.83 11.65 0.72
CA SER B 18 -6.52 11.50 0.12
C SER B 18 -5.44 11.49 1.20
N GLN B 19 -4.21 11.21 0.77
CA GLN B 19 -3.04 11.27 1.64
C GLN B 19 -1.87 11.84 0.86
N GLY B 20 -1.06 12.66 1.52
CA GLY B 20 0.03 13.28 0.81
C GLY B 20 0.80 14.24 1.68
N VAL B 21 1.67 15.00 1.02
CA VAL B 21 2.54 15.96 1.69
C VAL B 21 2.61 17.22 0.85
N VAL B 22 2.54 18.35 1.54
CA VAL B 22 2.88 19.64 0.97
C VAL B 22 4.09 20.15 1.72
N VAL B 23 5.07 20.64 0.98
CA VAL B 23 6.25 21.30 1.54
C VAL B 23 6.29 22.71 0.98
N LEU B 24 6.44 23.69 1.87
CA LEU B 24 6.57 25.11 1.52
C LEU B 24 7.91 25.62 2.01
N TRP B 25 8.50 26.53 1.24
CA TRP B 25 9.72 27.21 1.65
C TRP B 25 9.55 28.71 1.47
N ASN B 26 9.70 29.45 2.57
CA ASN B 26 9.64 30.92 2.58
C ASN B 26 11.03 31.43 2.28
N GLU B 27 11.23 31.96 1.08
CA GLU B 27 12.58 32.30 0.66
C GLU B 27 13.16 33.42 1.51
N ASN B 28 12.37 34.47 1.77
CA ASN B 28 12.90 35.58 2.55
C ASN B 28 13.34 35.12 3.92
N LYS B 29 12.53 34.30 4.57
CA LYS B 29 12.80 33.89 5.95
C LYS B 29 13.66 32.65 6.04
N GLN B 30 13.90 31.97 4.92
CA GLN B 30 14.69 30.74 4.91
C GLN B 30 14.12 29.73 5.90
N GLN B 31 12.81 29.52 5.82
CA GLN B 31 12.11 28.59 6.69
C GLN B 31 11.19 27.72 5.87
N GLY B 32 11.12 26.45 6.25
CA GLY B 32 10.27 25.50 5.56
C GLY B 32 9.16 25.00 6.46
N PHE B 33 8.10 24.49 5.82
CA PHE B 33 6.89 24.06 6.50
C PHE B 33 6.34 22.85 5.78
N THR B 34 5.89 21.84 6.52
CA THR B 34 5.28 20.68 5.89
C THR B 34 4.29 20.04 6.85
N ASN B 35 3.32 19.31 6.29
CA ASN B 35 2.42 18.55 7.13
C ASN B 35 2.99 17.20 7.55
N ASN B 36 4.08 16.73 6.91
CA ASN B 36 4.56 15.38 7.19
C ASN B 36 6.05 15.33 6.90
N LEU B 37 6.87 15.52 7.95
CA LEU B 37 8.32 15.54 7.74
C LEU B 37 8.82 14.23 7.14
N LYS B 38 8.27 13.09 7.56
CA LYS B 38 8.73 11.83 6.98
C LYS B 38 8.44 11.79 5.49
N ARG B 39 7.18 12.01 5.11
CA ARG B 39 6.87 11.89 3.69
C ARG B 39 7.55 12.99 2.88
N ALA B 40 7.81 14.13 3.49
CA ALA B 40 8.54 15.18 2.80
C ALA B 40 9.90 14.72 2.33
N ASN B 41 10.49 13.74 3.01
CA ASN B 41 11.83 13.27 2.69
C ASN B 41 11.85 11.89 2.05
N GLN B 42 10.68 11.33 1.76
CA GLN B 42 10.60 10.07 1.04
C GLN B 42 10.71 10.30 -0.45
N ALA B 43 11.42 9.40 -1.11
CA ALA B 43 11.79 9.56 -2.52
C ALA B 43 10.82 8.82 -3.45
N PHE B 44 10.31 9.54 -4.45
CA PHE B 44 9.38 8.98 -5.41
C PHE B 44 9.91 9.18 -6.83
N LEU B 45 9.37 8.41 -7.77
CA LEU B 45 9.64 8.71 -9.16
C LEU B 45 9.22 10.14 -9.47
N PRO B 46 10.04 10.89 -10.21
CA PRO B 46 9.67 12.28 -10.56
C PRO B 46 8.60 12.38 -11.61
N ALA B 47 8.47 11.36 -12.46
CA ALA B 47 7.55 11.37 -13.59
C ALA B 47 7.71 12.70 -14.31
N SER B 48 6.61 13.34 -14.69
CA SER B 48 6.74 14.50 -15.57
C SER B 48 7.34 15.72 -14.89
N THR B 49 7.53 15.72 -13.56
CA THR B 49 8.33 16.83 -13.04
C THR B 49 9.76 16.77 -13.56
N PHE B 50 10.17 15.64 -14.10
CA PHE B 50 11.51 15.53 -14.67
C PHE B 50 11.63 16.38 -15.93
N KCX B 51 10.52 16.85 -16.46
CA KCX B 51 10.61 17.70 -17.65
CB KCX B 51 9.22 17.95 -18.25
CG KCX B 51 8.68 16.69 -18.91
CD KCX B 51 7.38 16.91 -19.62
CE KCX B 51 6.94 15.65 -20.32
NZ KCX B 51 6.61 14.57 -19.37
C KCX B 51 11.33 19.00 -17.34
O KCX B 51 11.86 19.64 -18.24
CX KCX B 51 7.42 13.52 -19.15
OQ1 KCX B 51 8.48 13.40 -19.80
OQ2 KCX B 51 7.10 12.63 -18.31
H KCX B 51 9.72 16.71 -16.16
HA KCX B 51 11.07 17.29 -18.24
HB2 KCX B 51 8.69 18.16 -17.61
HG2 KCX B 51 8.57 16.10 -18.31
HD2 KCX B 51 6.78 17.12 -19.06
HE2 KCX B 51 6.25 15.82 -20.78
N ILE B 52 11.42 19.40 -16.06
CA ILE B 52 12.20 20.59 -15.73
C ILE B 52 13.71 20.34 -16.00
N PRO B 53 14.35 19.38 -15.33
CA PRO B 53 15.77 19.15 -15.66
C PRO B 53 15.99 18.71 -17.09
N ASN B 54 15.07 17.91 -17.63
CA ASN B 54 15.24 17.44 -19.01
C ASN B 54 15.26 18.62 -19.98
N SER B 55 14.35 19.59 -19.79
CA SER B 55 14.36 20.80 -20.63
C SER B 55 15.68 21.54 -20.51
N LEU B 56 16.17 21.73 -19.29
CA LEU B 56 17.41 22.46 -19.07
C LEU B 56 18.57 21.81 -19.81
N ILE B 57 18.66 20.49 -19.71
CA ILE B 57 19.79 19.79 -20.30
C ILE B 57 19.70 19.85 -21.83
N ALA B 58 18.50 19.63 -22.37
CA ALA B 58 18.31 19.70 -23.81
C ALA B 58 18.66 21.09 -24.34
N LEU B 59 18.24 22.13 -23.62
CA LEU B 59 18.57 23.48 -24.07
C LEU B 59 20.08 23.72 -23.98
N ASP B 60 20.70 23.36 -22.86
CA ASP B 60 22.09 23.72 -22.69
C ASP B 60 22.99 22.99 -23.67
N LEU B 61 22.60 21.80 -24.10
CA LEU B 61 23.37 21.02 -25.07
C LEU B 61 22.99 21.32 -26.52
N GLY B 62 22.00 22.15 -26.76
CA GLY B 62 21.63 22.46 -28.13
C GLY B 62 20.75 21.42 -28.79
N VAL B 63 20.29 20.42 -28.03
CA VAL B 63 19.29 19.50 -28.54
C VAL B 63 18.00 20.25 -28.86
N VAL B 64 17.66 21.23 -28.03
CA VAL B 64 16.57 22.17 -28.28
C VAL B 64 17.22 23.53 -28.49
N LYS B 65 16.95 24.16 -29.63
CA LYS B 65 17.59 25.43 -29.95
C LYS B 65 16.99 26.58 -29.15
N ASP B 66 15.67 26.60 -29.04
CA ASP B 66 14.96 27.64 -28.31
C ASP B 66 13.52 27.18 -28.14
N GLU B 67 12.71 28.04 -27.51
CA GLU B 67 11.36 27.67 -27.12
C GLU B 67 10.36 27.72 -28.30
N HIS B 68 10.83 28.09 -29.49
CA HIS B 68 10.02 28.13 -30.70
C HIS B 68 10.21 26.92 -31.59
N GLN B 69 11.32 26.20 -31.43
CA GLN B 69 11.59 25.03 -32.26
C GLN B 69 10.42 24.07 -32.21
N VAL B 70 9.98 23.62 -33.38
CA VAL B 70 8.82 22.73 -33.47
C VAL B 70 9.29 21.29 -33.49
N PHE B 71 8.72 20.49 -32.59
CA PHE B 71 8.95 19.04 -32.56
C PHE B 71 7.74 18.40 -33.21
N LYS B 72 7.92 17.94 -34.44
CA LYS B 72 6.83 17.41 -35.23
C LYS B 72 6.28 16.14 -34.60
N TRP B 73 4.95 16.02 -34.57
CA TRP B 73 4.32 14.77 -34.18
C TRP B 73 4.84 13.63 -35.05
N ASP B 74 5.17 12.50 -34.41
CA ASP B 74 5.68 11.38 -35.19
C ASP B 74 4.58 10.61 -35.92
N GLY B 75 3.33 11.07 -35.84
CA GLY B 75 2.26 10.42 -36.59
C GLY B 75 1.72 9.16 -35.94
N GLN B 76 2.19 8.82 -34.75
CA GLN B 76 1.67 7.68 -34.01
C GLN B 76 0.54 8.17 -33.11
N THR B 77 -0.65 7.63 -33.30
CA THR B 77 -1.80 8.04 -32.50
C THR B 77 -1.67 7.50 -31.08
N ARG B 78 -1.63 8.41 -30.10
CA ARG B 78 -1.58 8.06 -28.68
C ARG B 78 -2.90 8.45 -28.02
N ASP B 79 -3.11 7.96 -26.79
CA ASP B 79 -4.43 8.13 -26.19
C ASP B 79 -4.62 9.52 -25.57
N ILE B 80 -3.58 10.34 -25.49
CA ILE B 80 -3.72 11.73 -25.05
C ILE B 80 -3.82 12.59 -26.30
N ALA B 81 -5.01 13.12 -26.54
CA ALA B 81 -5.28 13.84 -27.79
C ALA B 81 -4.29 14.98 -28.02
N THR B 82 -3.94 15.72 -26.96
CA THR B 82 -3.06 16.86 -27.15
C THR B 82 -1.65 16.45 -27.54
N TRP B 83 -1.30 15.18 -27.37
CA TRP B 83 0.01 14.70 -27.80
C TRP B 83 0.09 14.46 -29.31
N ASN B 84 -1.05 14.31 -30.00
CA ASN B 84 -1.07 13.95 -31.42
C ASN B 84 -1.07 15.21 -32.28
N ARG B 85 -0.03 16.01 -32.06
CA ARG B 85 0.12 17.30 -32.73
C ARG B 85 1.55 17.76 -32.55
N ASP B 86 1.93 18.78 -33.32
CA ASP B 86 3.25 19.36 -33.20
C ASP B 86 3.33 20.18 -31.91
N HIS B 87 4.53 20.27 -31.35
CA HIS B 87 4.75 21.00 -30.10
C HIS B 87 6.03 21.80 -30.18
N ASN B 88 6.10 22.85 -29.36
CA ASN B 88 7.37 23.45 -29.00
C ASN B 88 7.61 23.21 -27.52
N LEU B 89 8.68 23.78 -27.00
CA LEU B 89 9.00 23.54 -25.60
C LEU B 89 7.89 24.03 -24.68
N ILE B 90 7.29 25.17 -25.01
CA ILE B 90 6.23 25.73 -24.16
C ILE B 90 5.04 24.80 -24.13
N THR B 91 4.54 24.38 -25.29
CA THR B 91 3.34 23.56 -25.28
C THR B 91 3.63 22.13 -24.82
N ALA B 92 4.84 21.64 -25.06
CA ALA B 92 5.20 20.30 -24.60
C ALA B 92 5.23 20.22 -23.08
N MET B 93 5.68 21.29 -22.42
CA MET B 93 5.60 21.34 -20.97
C MET B 93 4.16 21.45 -20.51
N LYS B 94 3.40 22.36 -21.12
CA LYS B 94 2.02 22.58 -20.72
C LYS B 94 1.21 21.29 -20.77
N TYR B 95 1.37 20.49 -21.83
CA TYR B 95 0.58 19.28 -21.99
C TYR B 95 1.35 18.02 -21.60
N SER B 96 2.47 18.16 -20.89
N SER B 96 2.49 18.19 -20.93
CA SER B 96 3.26 17.03 -20.39
CA SER B 96 3.28 17.08 -20.41
C SER B 96 3.49 15.99 -21.49
C SER B 96 3.48 16.01 -21.48
N VAL B 97 4.00 16.45 -22.63
CA VAL B 97 4.05 15.61 -23.82
C VAL B 97 5.25 14.66 -23.74
N VAL B 98 5.02 13.51 -23.09
CA VAL B 98 6.09 12.53 -22.86
C VAL B 98 6.89 12.21 -24.13
N PRO B 99 6.27 11.87 -25.27
CA PRO B 99 7.10 11.40 -26.38
C PRO B 99 8.07 12.44 -26.91
N VAL B 100 7.75 13.73 -26.77
CA VAL B 100 8.71 14.75 -27.17
C VAL B 100 9.94 14.69 -26.25
N TYR B 101 9.70 14.55 -24.95
CA TYR B 101 10.77 14.50 -23.97
C TYR B 101 11.54 13.18 -24.02
N GLN B 102 10.88 12.10 -24.44
CA GLN B 102 11.61 10.85 -24.65
C GLN B 102 12.65 11.01 -25.75
N GLU B 103 12.30 11.69 -26.83
CA GLU B 103 13.28 11.94 -27.89
C GLU B 103 14.40 12.86 -27.41
N PHE B 104 14.08 13.90 -26.61
CA PHE B 104 15.15 14.70 -26.02
C PHE B 104 16.14 13.79 -25.32
N ALA B 105 15.61 12.89 -24.48
CA ALA B 105 16.48 12.04 -23.67
C ALA B 105 17.36 11.17 -24.53
N ARG B 106 16.81 10.62 -25.64
CA ARG B 106 17.62 9.82 -26.55
C ARG B 106 18.75 10.65 -27.15
N GLN B 107 18.46 11.90 -27.49
CA GLN B 107 19.48 12.75 -28.10
C GLN B 107 20.51 13.21 -27.07
N ILE B 108 20.08 13.48 -25.83
CA ILE B 108 21.03 13.77 -24.78
C ILE B 108 21.98 12.58 -24.57
N GLY B 109 21.41 11.40 -24.43
CA GLY B 109 22.18 10.19 -24.23
C GLY B 109 22.48 9.94 -22.76
N GLU B 110 22.75 8.67 -22.45
CA GLU B 110 22.93 8.24 -21.06
C GLU B 110 24.05 9.01 -20.37
N ALA B 111 25.21 9.12 -21.02
CA ALA B 111 26.37 9.68 -20.36
C ALA B 111 26.14 11.14 -20.00
N ARG B 112 25.66 11.94 -20.95
CA ARG B 112 25.46 13.36 -20.68
C ARG B 112 24.32 13.58 -19.71
N MET B 113 23.26 12.79 -19.80
CA MET B 113 22.16 12.91 -18.85
C MET B 113 22.65 12.65 -17.43
N SER B 114 23.46 11.60 -17.26
CA SER B 114 23.96 11.26 -15.93
C SER B 114 24.86 12.33 -15.37
N LYS B 115 25.85 12.78 -16.17
N LYS B 115 25.85 12.78 -16.16
CA LYS B 115 26.72 13.87 -15.72
CA LYS B 115 26.72 13.87 -15.73
C LYS B 115 25.91 15.05 -15.22
C LYS B 115 25.90 15.04 -15.22
N MET B 116 24.85 15.41 -15.96
CA MET B 116 24.13 16.64 -15.64
C MET B 116 23.28 16.49 -14.40
N LEU B 117 22.65 15.34 -14.19
CA LEU B 117 21.89 15.17 -12.95
C LEU B 117 22.81 15.20 -11.73
N HIS B 118 24.04 14.67 -11.86
CA HIS B 118 25.02 14.81 -10.78
C HIS B 118 25.37 16.27 -10.59
N ALA B 119 25.60 17.02 -11.68
CA ALA B 119 25.90 18.43 -11.56
C ALA B 119 24.75 19.21 -10.93
N PHE B 120 23.51 18.80 -11.20
CA PHE B 120 22.33 19.41 -10.60
C PHE B 120 22.07 18.96 -9.16
N ASP B 121 22.79 17.96 -8.65
CA ASP B 121 22.47 17.39 -7.35
C ASP B 121 21.02 16.91 -7.30
N TYR B 122 20.53 16.39 -8.42
CA TYR B 122 19.09 16.15 -8.59
C TYR B 122 18.73 14.78 -8.00
N GLY B 123 18.01 14.80 -6.88
CA GLY B 123 17.48 13.56 -6.34
C GLY B 123 18.59 12.59 -6.02
N ASN B 124 18.36 11.32 -6.31
CA ASN B 124 19.42 10.33 -6.12
C ASN B 124 20.37 10.24 -7.32
N GLU B 125 20.20 11.11 -8.33
CA GLU B 125 21.17 11.25 -9.41
C GLU B 125 21.36 9.96 -10.21
N ASP B 126 20.38 9.05 -10.17
CA ASP B 126 20.50 7.70 -10.70
C ASP B 126 19.61 7.55 -11.93
N ILE B 127 20.22 7.40 -13.10
CA ILE B 127 19.44 7.25 -14.33
C ILE B 127 19.29 5.78 -14.73
N SER B 128 19.52 4.85 -13.80
CA SER B 128 19.36 3.43 -14.10
C SER B 128 18.01 3.19 -14.76
N GLY B 129 17.99 2.33 -15.77
CA GLY B 129 16.80 2.05 -16.54
C GLY B 129 17.00 2.45 -17.98
N ASN B 130 15.89 2.50 -18.72
CA ASN B 130 15.93 2.87 -20.12
C ASN B 130 16.09 4.38 -20.25
N VAL B 131 17.00 4.81 -21.11
CA VAL B 131 17.24 6.26 -21.23
C VAL B 131 15.99 7.04 -21.62
N ASP B 132 15.00 6.40 -22.27
CA ASP B 132 13.80 7.10 -22.69
C ASP B 132 12.63 6.89 -21.75
N SER B 133 12.86 6.32 -20.56
CA SER B 133 11.75 6.19 -19.63
C SER B 133 12.17 6.15 -18.17
N PHE B 134 13.44 6.41 -17.84
CA PHE B 134 13.91 6.14 -16.48
C PHE B 134 13.19 6.99 -15.46
N TRP B 135 12.72 8.18 -15.84
CA TRP B 135 11.97 9.03 -14.91
C TRP B 135 10.55 8.55 -14.68
N LEU B 136 10.11 7.54 -15.43
CA LEU B 136 8.80 6.93 -15.24
C LEU B 136 8.88 5.54 -14.61
N ASP B 137 9.93 4.75 -14.92
CA ASP B 137 10.00 3.40 -14.37
C ASP B 137 11.43 2.91 -14.13
N GLY B 138 12.40 3.80 -14.05
CA GLY B 138 13.77 3.45 -13.77
C GLY B 138 14.10 3.70 -12.30
N GLY B 139 15.38 3.91 -12.03
CA GLY B 139 15.86 3.98 -10.68
C GLY B 139 15.91 5.37 -10.08
N ILE B 140 15.56 6.40 -10.84
CA ILE B 140 15.67 7.77 -10.32
C ILE B 140 14.57 8.04 -9.32
N ARG B 141 14.92 8.79 -8.27
CA ARG B 141 14.00 9.11 -7.19
C ARG B 141 14.31 10.51 -6.68
N ILE B 142 13.28 11.21 -6.23
CA ILE B 142 13.47 12.53 -5.65
C ILE B 142 12.36 12.76 -4.62
N SER B 143 12.73 13.41 -3.51
CA SER B 143 11.77 13.76 -2.48
C SER B 143 11.22 15.17 -2.72
N ALA B 144 10.15 15.48 -2.01
CA ALA B 144 9.59 16.83 -2.07
C ALA B 144 10.59 17.88 -1.59
N THR B 145 11.37 17.59 -0.53
CA THR B 145 12.34 18.59 -0.08
C THR B 145 13.46 18.75 -1.08
N GLU B 146 13.86 17.64 -1.72
CA GLU B 146 14.85 17.71 -2.80
C GLU B 146 14.32 18.48 -4.01
N GLN B 147 13.01 18.38 -4.31
CA GLN B 147 12.45 19.22 -5.37
C GLN B 147 12.63 20.70 -5.04
N ILE B 148 12.36 21.08 -3.79
CA ILE B 148 12.53 22.47 -3.39
C ILE B 148 13.97 22.91 -3.55
N SER B 149 14.94 22.09 -3.09
CA SER B 149 16.34 22.50 -3.21
C SER B 149 16.72 22.75 -4.67
N PHE B 150 16.25 21.88 -5.57
CA PHE B 150 16.56 22.03 -6.99
C PHE B 150 15.87 23.25 -7.57
N LEU B 151 14.61 23.46 -7.23
CA LEU B 151 13.88 24.62 -7.74
C LEU B 151 14.49 25.93 -7.25
N ARG B 152 14.99 25.96 -6.02
CA ARG B 152 15.60 27.20 -5.55
C ARG B 152 16.83 27.57 -6.36
N LYS B 153 17.63 26.56 -6.73
CA LYS B 153 18.79 26.81 -7.57
C LYS B 153 18.34 27.37 -8.93
N LEU B 154 17.31 26.76 -9.52
CA LEU B 154 16.78 27.23 -10.79
C LEU B 154 16.31 28.68 -10.69
N TYR B 155 15.52 28.98 -9.65
CA TYR B 155 15.04 30.35 -9.46
C TYR B 155 16.19 31.34 -9.47
N HIS B 156 17.29 31.01 -8.80
CA HIS B 156 18.44 31.90 -8.65
C HIS B 156 19.46 31.77 -9.78
N ASN B 157 19.15 31.01 -10.83
CA ASN B 157 20.08 30.79 -11.94
C ASN B 157 21.41 30.18 -11.49
N LYS B 158 21.38 29.37 -10.44
CA LYS B 158 22.59 28.80 -9.89
C LYS B 158 22.88 27.37 -10.36
N LEU B 159 22.02 26.77 -11.18
CA LEU B 159 22.34 25.46 -11.71
C LEU B 159 23.49 25.57 -12.72
N HIS B 160 24.18 24.45 -12.94
CA HIS B 160 25.36 24.46 -13.82
C HIS B 160 24.96 24.26 -15.29
N VAL B 161 24.10 25.16 -15.74
CA VAL B 161 23.82 25.40 -17.16
C VAL B 161 23.77 26.91 -17.34
N SER B 162 23.63 27.35 -18.59
CA SER B 162 23.71 28.79 -18.81
C SER B 162 22.50 29.50 -18.20
N GLU B 163 22.67 30.81 -17.97
CA GLU B 163 21.54 31.62 -17.52
C GLU B 163 20.40 31.54 -18.53
N ARG B 164 20.71 31.56 -19.83
CA ARG B 164 19.68 31.52 -20.86
C ARG B 164 18.82 30.26 -20.72
N SER B 165 19.45 29.10 -20.55
CA SER B 165 18.70 27.86 -20.43
C SER B 165 17.76 27.92 -19.24
N GLN B 166 18.23 28.49 -18.14
CA GLN B 166 17.39 28.59 -16.96
C GLN B 166 16.23 29.55 -17.18
N ARG B 167 16.47 30.69 -17.84
CA ARG B 167 15.39 31.62 -18.12
C ARG B 167 14.32 31.01 -19.01
N ILE B 168 14.73 30.24 -20.03
CA ILE B 168 13.76 29.64 -20.94
C ILE B 168 12.90 28.62 -20.20
N VAL B 169 13.52 27.80 -19.36
CA VAL B 169 12.73 26.79 -18.69
C VAL B 169 11.77 27.44 -17.71
N LYS B 170 12.20 28.51 -17.01
CA LYS B 170 11.28 29.18 -16.11
C LYS B 170 10.12 29.83 -16.86
N GLN B 171 10.38 30.32 -18.08
CA GLN B 171 9.29 30.76 -18.94
C GLN B 171 8.35 29.59 -19.24
N ALA B 172 8.91 28.46 -19.62
CA ALA B 172 8.07 27.31 -19.96
C ALA B 172 7.28 26.78 -18.76
N MET B 173 7.73 27.05 -17.53
CA MET B 173 7.01 26.63 -16.33
C MET B 173 5.84 27.54 -16.00
N LEU B 174 5.69 28.66 -16.69
CA LEU B 174 4.62 29.58 -16.36
C LEU B 174 3.28 28.86 -16.41
N THR B 175 2.57 28.89 -15.30
CA THR B 175 1.30 28.20 -15.13
C THR B 175 0.16 29.17 -14.89
N GLU B 176 0.36 30.19 -14.06
CA GLU B 176 -0.70 31.11 -13.73
C GLU B 176 -0.11 32.47 -13.38
N ALA B 177 -0.81 33.52 -13.76
CA ALA B 177 -0.40 34.86 -13.38
C ALA B 177 -1.62 35.76 -13.33
N ASN B 178 -1.65 36.61 -12.31
CA ASN B 178 -2.68 37.61 -12.17
C ASN B 178 -2.07 38.77 -11.38
N GLY B 179 -2.91 39.72 -10.97
CA GLY B 179 -2.39 40.85 -10.23
C GLY B 179 -1.88 40.54 -8.85
N ASP B 180 -2.10 39.33 -8.36
CA ASP B 180 -1.71 38.97 -7.00
C ASP B 180 -0.48 38.07 -6.94
N TYR B 181 -0.26 37.20 -7.93
CA TYR B 181 0.84 36.26 -7.85
C TYR B 181 1.13 35.68 -9.23
N ILE B 182 2.29 35.04 -9.33
CA ILE B 182 2.71 34.24 -10.49
C ILE B 182 3.06 32.87 -9.96
N ILE B 183 2.58 31.82 -10.62
CA ILE B 183 2.98 30.46 -10.31
C ILE B 183 3.72 29.90 -11.51
N ARG B 184 4.94 29.44 -11.27
CA ARG B 184 5.73 28.67 -12.21
C ARG B 184 5.86 27.27 -11.61
N ALA B 185 5.46 26.26 -12.37
CA ALA B 185 5.31 24.94 -11.75
C ALA B 185 5.27 23.88 -12.83
N LYS B 186 5.34 22.63 -12.38
CA LYS B 186 5.20 21.46 -13.23
C LYS B 186 4.47 20.37 -12.47
N THR B 187 3.46 19.78 -13.11
CA THR B 187 2.75 18.63 -12.57
C THR B 187 3.49 17.34 -12.91
N GLY B 188 3.20 16.30 -12.13
CA GLY B 188 3.66 14.96 -12.45
C GLY B 188 2.60 13.94 -12.06
N TYR B 189 2.65 12.79 -12.75
CA TYR B 189 1.71 11.70 -12.50
C TYR B 189 2.47 10.39 -12.70
N SER B 190 2.74 9.69 -11.61
CA SER B 190 3.55 8.48 -11.64
C SER B 190 2.64 7.28 -11.41
N THR B 191 2.54 6.39 -12.41
CA THR B 191 1.67 5.24 -12.31
C THR B 191 2.38 3.91 -12.51
N ARG B 192 3.61 3.90 -13.03
CA ARG B 192 4.21 2.62 -13.40
C ARG B 192 4.82 1.89 -12.23
N ILE B 193 5.14 2.59 -11.15
CA ILE B 193 5.74 1.98 -9.98
C ILE B 193 4.90 2.40 -8.78
N GLU B 194 4.58 1.45 -7.92
CA GLU B 194 3.80 1.75 -6.73
C GLU B 194 4.65 2.51 -5.70
N PRO B 195 4.05 3.41 -4.92
CA PRO B 195 2.63 3.82 -4.96
C PRO B 195 2.39 4.86 -6.04
N LYS B 196 1.25 4.78 -6.71
CA LYS B 196 0.90 5.76 -7.72
C LYS B 196 0.69 7.10 -7.04
N ILE B 197 1.33 8.14 -7.56
CA ILE B 197 1.26 9.48 -6.96
C ILE B 197 1.11 10.54 -8.04
N GLY B 198 0.62 11.70 -7.60
CA GLY B 198 0.66 12.92 -8.38
C GLY B 198 1.59 13.91 -7.69
N TRP B 199 2.23 14.76 -8.49
CA TRP B 199 3.15 15.80 -8.03
C TRP B 199 2.63 17.15 -8.48
N TRP B 200 2.96 18.19 -7.71
CA TRP B 200 2.96 19.56 -8.24
C TRP B 200 4.09 20.29 -7.53
N VAL B 201 5.06 20.76 -8.30
CA VAL B 201 6.22 21.45 -7.74
C VAL B 201 6.44 22.74 -8.50
N GLY B 202 6.89 23.75 -7.77
CA GLY B 202 7.17 25.03 -8.37
C GLY B 202 7.32 26.09 -7.32
N TRP B 203 6.87 27.30 -7.65
CA TRP B 203 6.90 28.38 -6.69
C TRP B 203 5.87 29.43 -7.05
N VAL B 204 5.59 30.25 -6.04
CA VAL B 204 4.67 31.38 -6.11
C VAL B 204 5.49 32.65 -5.92
N GLU B 205 5.46 33.52 -6.93
CA GLU B 205 6.13 34.82 -6.87
C GLU B 205 5.13 35.86 -6.40
N LEU B 206 5.49 36.57 -5.33
CA LEU B 206 4.77 37.73 -4.83
C LEU B 206 5.62 38.97 -5.08
N ASP B 207 5.05 40.14 -4.79
CA ASP B 207 5.79 41.38 -4.97
C ASP B 207 7.10 41.35 -4.20
N ASP B 208 7.08 40.83 -2.97
CA ASP B 208 8.18 40.97 -2.04
C ASP B 208 8.72 39.66 -1.50
N ASN B 209 8.33 38.51 -2.07
CA ASN B 209 8.79 37.23 -1.56
C ASN B 209 8.50 36.18 -2.61
N VAL B 210 9.12 35.02 -2.42
CA VAL B 210 8.86 33.83 -3.20
C VAL B 210 8.60 32.69 -2.24
N TRP B 211 7.54 31.93 -2.49
CA TRP B 211 7.23 30.71 -1.76
C TRP B 211 7.41 29.53 -2.69
N PHE B 212 8.42 28.70 -2.42
CA PHE B 212 8.57 27.45 -3.16
C PHE B 212 7.66 26.38 -2.57
N PHE B 213 7.18 25.48 -3.42
CA PHE B 213 6.32 24.40 -2.97
C PHE B 213 6.61 23.11 -3.72
N ALA B 214 6.38 22.00 -3.03
CA ALA B 214 6.45 20.71 -3.68
C ALA B 214 5.46 19.83 -2.94
N MET B 215 4.56 19.22 -3.68
CA MET B 215 3.57 18.35 -3.09
C MET B 215 3.55 17.05 -3.87
N ASN B 216 3.27 15.96 -3.16
CA ASN B 216 2.85 14.75 -3.82
C ASN B 216 1.75 14.12 -2.98
N MET B 217 0.96 13.28 -3.64
CA MET B 217 -0.20 12.70 -3.01
C MET B 217 -0.51 11.38 -3.69
N ASP B 218 -1.08 10.46 -2.94
CA ASP B 218 -1.53 9.20 -3.52
C ASP B 218 -2.56 9.47 -4.61
N MET B 219 -2.44 8.74 -5.70
CA MET B 219 -3.27 8.94 -6.90
C MET B 219 -3.66 7.57 -7.44
N PRO B 220 -4.55 6.87 -6.73
CA PRO B 220 -4.93 5.53 -7.21
C PRO B 220 -5.62 5.55 -8.56
N THR B 221 -6.34 6.62 -8.92
CA THR B 221 -6.90 6.76 -10.25
C THR B 221 -6.72 8.20 -10.76
N SER B 222 -6.89 8.37 -12.06
CA SER B 222 -6.76 9.68 -12.66
C SER B 222 -7.88 10.63 -12.26
N ASP B 223 -8.93 10.13 -11.60
CA ASP B 223 -10.04 11.00 -11.21
C ASP B 223 -9.59 12.14 -10.30
N GLY B 224 -8.55 11.92 -9.50
CA GLY B 224 -8.14 12.89 -8.50
C GLY B 224 -7.05 13.86 -8.90
N LEU B 225 -6.68 13.90 -10.18
CA LEU B 225 -5.51 14.65 -10.59
C LEU B 225 -5.65 16.14 -10.29
N GLY B 226 -6.85 16.68 -10.42
CA GLY B 226 -7.05 18.09 -10.14
C GLY B 226 -6.80 18.45 -8.69
N LEU B 227 -6.75 17.45 -7.78
CA LEU B 227 -6.46 17.71 -6.39
C LEU B 227 -5.02 18.13 -6.15
N ARG B 228 -4.11 17.83 -7.09
CA ARG B 228 -2.74 18.30 -6.91
C ARG B 228 -2.71 19.81 -6.73
N GLN B 229 -3.34 20.54 -7.65
CA GLN B 229 -3.36 21.99 -7.56
C GLN B 229 -4.35 22.49 -6.53
N ALA B 230 -5.48 21.81 -6.36
CA ALA B 230 -6.52 22.28 -5.45
C ALA B 230 -6.07 22.21 -4.00
N ILE B 231 -5.43 21.12 -3.61
CA ILE B 231 -4.96 20.98 -2.23
C ILE B 231 -3.84 21.97 -1.96
N THR B 232 -2.88 22.06 -2.87
CA THR B 232 -1.80 23.03 -2.73
C THR B 232 -2.35 24.43 -2.54
N LYS B 233 -3.33 24.81 -3.37
CA LYS B 233 -3.87 26.16 -3.22
C LYS B 233 -4.63 26.32 -1.91
N GLU B 234 -5.31 25.28 -1.42
CA GLU B 234 -5.96 25.43 -0.13
C GLU B 234 -4.94 25.68 0.96
N VAL B 235 -3.77 25.05 0.86
CA VAL B 235 -2.72 25.31 1.83
C VAL B 235 -2.19 26.73 1.66
N LEU B 236 -1.93 27.14 0.41
CA LEU B 236 -1.45 28.50 0.20
C LEU B 236 -2.45 29.52 0.73
N LYS B 237 -3.75 29.27 0.53
CA LYS B 237 -4.76 30.20 1.05
C LYS B 237 -4.79 30.20 2.57
N GLN B 238 -4.71 29.03 3.20
CA GLN B 238 -4.70 28.99 4.67
C GLN B 238 -3.55 29.80 5.22
N GLU B 239 -2.38 29.71 4.60
CA GLU B 239 -1.22 30.45 5.09
C GLU B 239 -1.19 31.89 4.57
N LYS B 240 -2.25 32.36 3.94
CA LYS B 240 -2.35 33.76 3.47
C LYS B 240 -1.24 34.11 2.49
N ILE B 241 -0.74 33.11 1.76
CA ILE B 241 0.22 33.38 0.70
C ILE B 241 -0.50 33.87 -0.56
N ILE B 242 -1.68 33.32 -0.83
CA ILE B 242 -2.54 33.82 -1.90
C ILE B 242 -3.91 34.12 -1.33
N PRO B 243 -4.68 35.02 -1.97
CA PRO B 243 -6.03 35.33 -1.47
C PRO B 243 -7.00 34.16 -1.58
N GLU C 2 16.92 20.52 11.74
CA GLU C 2 18.03 20.91 10.88
C GLU C 2 19.03 19.77 10.72
N TRP C 3 19.68 19.76 9.56
CA TRP C 3 20.63 18.72 9.20
C TRP C 3 21.90 19.36 8.67
N GLN C 4 23.03 18.79 9.07
CA GLN C 4 24.34 19.26 8.64
C GLN C 4 25.11 18.08 8.06
N GLU C 5 25.79 18.34 6.94
CA GLU C 5 26.57 17.32 6.27
C GLU C 5 28.04 17.49 6.66
N ASN C 6 28.66 16.40 7.11
CA ASN C 6 30.07 16.40 7.50
C ASN C 6 30.78 15.35 6.66
N LYS C 7 31.31 15.76 5.52
CA LYS C 7 31.95 14.82 4.61
C LYS C 7 33.28 14.30 5.14
N SER C 8 33.83 14.88 6.21
CA SER C 8 35.08 14.35 6.74
C SER C 8 34.90 12.95 7.29
N TRP C 9 33.68 12.56 7.68
CA TRP C 9 33.47 11.19 8.14
C TRP C 9 33.69 10.18 7.02
N ASN C 10 33.63 10.63 5.75
CA ASN C 10 33.88 9.72 4.64
C ASN C 10 35.25 9.07 4.75
N ALA C 11 36.20 9.73 5.41
CA ALA C 11 37.52 9.13 5.60
C ALA C 11 37.41 7.80 6.35
N HIS C 12 36.46 7.70 7.29
CA HIS C 12 36.33 6.45 8.05
C HIS C 12 35.78 5.32 7.18
N PHE C 13 35.02 5.66 6.13
CA PHE C 13 34.56 4.63 5.21
C PHE C 13 35.66 4.25 4.22
N THR C 14 36.33 5.23 3.63
CA THR C 14 37.34 4.92 2.62
C THR C 14 38.54 4.21 3.23
N GLU C 15 38.87 4.50 4.49
CA GLU C 15 39.95 3.78 5.15
C GLU C 15 39.73 2.27 5.12
N HIS C 16 38.48 1.82 5.02
CA HIS C 16 38.17 0.40 4.92
C HIS C 16 37.62 0.00 3.56
N LYS C 17 37.88 0.79 2.51
CA LYS C 17 37.36 0.49 1.17
C LYS C 17 35.85 0.23 1.21
N SER C 18 35.16 1.03 2.00
CA SER C 18 33.72 0.84 2.20
C SER C 18 32.98 2.05 1.68
N GLN C 19 31.66 1.90 1.57
CA GLN C 19 30.77 2.98 1.22
C GLN C 19 29.55 2.84 2.11
N GLY C 20 29.07 3.97 2.62
CA GLY C 20 27.93 3.92 3.52
C GLY C 20 27.64 5.30 4.08
N VAL C 21 26.77 5.31 5.07
CA VAL C 21 26.32 6.53 5.71
C VAL C 21 26.23 6.30 7.20
N VAL C 22 26.66 7.30 7.97
CA VAL C 22 26.38 7.40 9.39
C VAL C 22 25.50 8.62 9.59
N VAL C 23 24.42 8.44 10.35
CA VAL C 23 23.52 9.52 10.73
C VAL C 23 23.51 9.61 12.25
N LEU C 24 23.73 10.82 12.78
CA LEU C 24 23.67 11.09 14.20
C LEU C 24 22.60 12.13 14.48
N TRP C 25 21.93 11.99 15.63
CA TRP C 25 20.96 12.96 16.10
C TRP C 25 21.25 13.33 17.54
N ASN C 26 21.49 14.61 17.77
CA ASN C 26 21.75 15.16 19.09
C ASN C 26 20.42 15.51 19.72
N GLU C 27 19.99 14.73 20.72
CA GLU C 27 18.64 14.89 21.25
C GLU C 27 18.48 16.25 21.94
N ASN C 28 19.48 16.66 22.74
CA ASN C 28 19.35 17.94 23.44
C ASN C 28 19.17 19.08 22.45
N LYS C 29 19.97 19.09 21.39
CA LYS C 29 20.01 20.20 20.47
C LYS C 29 19.03 20.05 19.32
N GLN C 30 18.40 18.90 19.17
CA GLN C 30 17.46 18.63 18.07
C GLN C 30 18.11 18.96 16.72
N GLN C 31 19.32 18.43 16.55
CA GLN C 31 20.14 18.63 15.35
C GLN C 31 20.73 17.31 14.88
N GLY C 32 20.76 17.13 13.56
CA GLY C 32 21.30 15.93 12.96
C GLY C 32 22.56 16.18 12.14
N PHE C 33 23.36 15.13 11.97
CA PHE C 33 24.65 15.21 11.31
C PHE C 33 24.85 13.93 10.53
N THR C 34 25.34 14.04 9.29
CA THR C 34 25.61 12.86 8.49
C THR C 34 26.69 13.19 7.47
N ASN C 35 27.37 12.12 6.99
CA ASN C 35 28.34 12.30 5.92
C ASN C 35 27.70 12.38 4.55
N ASN C 36 26.44 11.96 4.43
CA ASN C 36 25.80 11.85 3.12
C ASN C 36 24.30 12.04 3.32
N LEU C 37 23.84 13.27 3.11
CA LEU C 37 22.43 13.59 3.30
C LEU C 37 21.53 12.75 2.39
N LYS C 38 21.95 12.51 1.15
CA LYS C 38 21.14 11.71 0.24
C LYS C 38 21.00 10.28 0.75
N ARG C 39 22.13 9.61 1.05
CA ARG C 39 22.00 8.23 1.49
C ARG C 39 21.36 8.14 2.86
N ALA C 40 21.47 9.20 3.67
CA ALA C 40 20.76 9.21 4.96
C ALA C 40 19.28 9.03 4.77
N ASN C 41 18.75 9.46 3.62
CA ASN C 41 17.33 9.40 3.35
C ASN C 41 16.99 8.31 2.33
N GLN C 42 17.95 7.46 1.99
CA GLN C 42 17.66 6.35 1.10
C GLN C 42 17.08 5.18 1.90
N ALA C 43 15.97 4.64 1.41
CA ALA C 43 15.24 3.62 2.15
C ALA C 43 15.65 2.25 1.65
N PHE C 44 16.05 1.38 2.57
CA PHE C 44 16.48 0.02 2.29
C PHE C 44 15.62 -0.96 3.08
N LEU C 45 15.71 -2.23 2.72
CA LEU C 45 15.17 -3.28 3.58
C LEU C 45 15.78 -3.16 4.98
N PRO C 46 14.98 -3.29 6.04
CA PRO C 46 15.54 -3.17 7.40
C PRO C 46 16.31 -4.39 7.86
N ALA C 47 16.05 -5.55 7.27
CA ALA C 47 16.62 -6.83 7.69
C ALA C 47 16.49 -6.94 9.20
N SER C 48 17.53 -7.39 9.90
CA SER C 48 17.32 -7.72 11.31
C SER C 48 17.14 -6.50 12.21
N THR C 49 17.34 -5.27 11.72
CA THR C 49 16.92 -4.14 12.54
C THR C 49 15.41 -4.17 12.75
N PHE C 50 14.68 -4.94 11.94
CA PHE C 50 13.23 -5.07 12.11
C PHE C 50 12.90 -5.82 13.40
N KCX C 51 13.88 -6.48 14.02
CA KCX C 51 13.59 -7.18 15.27
CB KCX C 51 14.78 -8.04 15.70
CG KCX C 51 14.92 -9.32 14.84
CD KCX C 51 16.02 -10.30 15.30
CE KCX C 51 16.02 -11.57 14.41
NZ KCX C 51 16.38 -11.20 13.02
C KCX C 51 13.17 -6.19 16.37
O KCX C 51 12.47 -6.59 17.32
CX KCX C 51 15.46 -11.07 12.05
OQ1 KCX C 51 15.84 -10.73 10.91
OQ2 KCX C 51 14.25 -11.29 12.25
H KCX C 51 14.68 -6.53 13.75
HA KCX C 51 12.94 -7.70 15.14
HB2 KCX C 51 15.50 -7.59 15.61
HG2 KCX C 51 15.09 -9.10 14.03
HD2 KCX C 51 16.78 -9.92 15.22
HE2 KCX C 51 15.24 -11.91 14.41
N ILE C 52 13.50 -4.92 16.23
CA ILE C 52 13.02 -3.95 17.23
C ILE C 52 11.49 -3.81 17.16
N PRO C 53 10.93 -3.38 16.04
CA PRO C 53 9.47 -3.31 15.99
C PRO C 53 8.81 -4.67 16.17
N ASN C 54 9.40 -5.73 15.61
CA ASN C 54 8.81 -7.06 15.74
C ASN C 54 8.72 -7.46 17.21
N SER C 55 9.77 -7.19 18.00
CA SER C 55 9.74 -7.50 19.43
C SER C 55 8.62 -6.73 20.14
N LEU C 56 8.51 -5.43 19.84
CA LEU C 56 7.48 -4.59 20.45
C LEU C 56 6.09 -5.16 20.19
N ILE C 57 5.84 -5.54 18.95
CA ILE C 57 4.52 -6.02 18.58
C ILE C 57 4.24 -7.36 19.25
N ALA C 58 5.20 -8.26 19.22
CA ALA C 58 5.01 -9.57 19.84
C ALA C 58 4.75 -9.42 21.33
N LEU C 59 5.45 -8.51 22.00
CA LEU C 59 5.23 -8.32 23.42
C LEU C 59 3.85 -7.73 23.68
N ASP C 60 3.49 -6.69 22.93
CA ASP C 60 2.25 -6.00 23.22
C ASP C 60 1.04 -6.88 22.96
N LEU C 61 1.16 -7.84 22.03
CA LEU C 61 0.08 -8.76 21.70
C LEU C 61 0.09 -10.02 22.55
N GLY C 62 1.07 -10.17 23.43
CA GLY C 62 1.14 -11.37 24.25
C GLY C 62 1.71 -12.56 23.52
N VAL C 63 2.18 -12.39 22.29
CA VAL C 63 2.88 -13.47 21.60
C VAL C 63 4.14 -13.84 22.38
N VAL C 64 4.83 -12.85 22.92
CA VAL C 64 5.92 -13.07 23.88
C VAL C 64 5.44 -12.56 25.23
N LYS C 65 5.48 -13.44 26.24
CA LYS C 65 4.96 -13.07 27.56
C LYS C 65 5.90 -12.14 28.31
N ASP C 66 7.21 -12.43 28.30
CA ASP C 66 8.21 -11.60 28.96
C ASP C 66 9.56 -11.99 28.38
N GLU C 67 10.62 -11.37 28.90
CA GLU C 67 11.95 -11.57 28.33
C GLU C 67 12.60 -12.88 28.75
N HIS C 68 11.92 -13.68 29.59
CA HIS C 68 12.42 -14.97 30.04
C HIS C 68 11.82 -16.15 29.32
N GLN C 69 10.69 -15.95 28.64
CA GLN C 69 10.05 -17.06 27.94
C GLN C 69 11.03 -17.70 26.97
N VAL C 70 11.10 -19.03 27.01
CA VAL C 70 12.04 -19.77 26.18
C VAL C 70 11.35 -20.20 24.90
N PHE C 71 11.96 -19.88 23.76
CA PHE C 71 11.50 -20.35 22.46
C PHE C 71 12.40 -21.51 22.06
N LYS C 72 11.84 -22.72 22.09
CA LYS C 72 12.61 -23.94 21.85
C LYS C 72 13.16 -23.97 20.44
N TRP C 73 14.41 -24.38 20.30
CA TRP C 73 14.95 -24.70 19.00
C TRP C 73 14.05 -25.70 18.30
N ASP C 74 13.74 -25.47 17.04
CA ASP C 74 12.87 -26.41 16.33
C ASP C 74 13.59 -27.66 15.83
N GLY C 75 14.88 -27.80 16.08
CA GLY C 75 15.63 -28.97 15.66
C GLY C 75 16.18 -28.96 14.25
N GLN C 76 16.00 -27.88 13.49
CA GLN C 76 16.60 -27.73 12.17
C GLN C 76 17.98 -27.12 12.32
N THR C 77 19.00 -27.83 11.88
CA THR C 77 20.36 -27.31 11.94
C THR C 77 20.53 -26.28 10.84
N ARG C 78 20.79 -25.04 11.21
CA ARG C 78 20.98 -23.96 10.26
C ARG C 78 22.44 -23.55 10.28
N ASP C 79 22.81 -22.67 9.35
CA ASP C 79 24.21 -22.36 9.14
C ASP C 79 24.80 -21.45 10.21
N ILE C 80 23.97 -20.79 11.01
CA ILE C 80 24.44 -19.96 12.11
C ILE C 80 24.33 -20.81 13.39
N ALA C 81 25.48 -21.23 13.92
CA ALA C 81 25.48 -22.18 15.03
C ALA C 81 24.67 -21.68 16.22
N THR C 82 24.75 -20.38 16.52
CA THR C 82 24.06 -19.84 17.69
C THR C 82 22.53 -19.90 17.54
N TRP C 83 22.02 -20.14 16.33
CA TRP C 83 20.58 -20.29 16.14
C TRP C 83 20.09 -21.69 16.53
N ASN C 84 21.00 -22.65 16.63
CA ASN C 84 20.63 -24.05 16.87
C ASN C 84 20.63 -24.37 18.38
N ARG C 85 19.84 -23.59 19.11
CA ARG C 85 19.76 -23.73 20.57
C ARG C 85 18.51 -22.99 21.02
N ASP C 86 18.12 -23.21 22.27
CA ASP C 86 16.99 -22.47 22.81
C ASP C 86 17.38 -21.02 23.07
N HIS C 87 16.40 -20.13 22.97
CA HIS C 87 16.58 -18.69 23.13
C HIS C 87 15.43 -18.08 23.91
N ASN C 88 15.71 -16.95 24.54
CA ASN C 88 14.68 -16.03 24.98
C ASN C 88 14.80 -14.73 24.18
N LEU C 89 13.99 -13.73 24.53
CA LEU C 89 14.00 -12.49 23.76
C LEU C 89 15.37 -11.82 23.77
N ILE C 90 16.04 -11.86 24.92
CA ILE C 90 17.36 -11.21 25.04
C ILE C 90 18.36 -11.88 24.13
N THR C 91 18.47 -13.20 24.21
CA THR C 91 19.45 -13.89 23.39
C THR C 91 19.02 -13.92 21.93
N ALA C 92 17.71 -13.95 21.67
CA ALA C 92 17.25 -13.95 20.29
C ALA C 92 17.62 -12.64 19.59
N MET C 93 17.54 -11.53 20.31
CA MET C 93 17.99 -10.25 19.76
C MET C 93 19.50 -10.24 19.60
N LYS C 94 20.21 -10.66 20.66
CA LYS C 94 21.67 -10.63 20.67
C LYS C 94 22.25 -11.38 19.49
N TYR C 95 21.71 -12.55 19.18
CA TYR C 95 22.25 -13.40 18.12
C TYR C 95 21.45 -13.29 16.83
N SER C 96 20.54 -12.32 16.75
CA SER C 96 19.72 -12.08 15.56
C SER C 96 19.12 -13.37 15.04
N VAL C 97 18.38 -14.06 15.92
CA VAL C 97 17.88 -15.40 15.63
C VAL C 97 16.63 -15.31 14.75
N VAL C 98 16.85 -15.23 13.45
CA VAL C 98 15.74 -15.07 12.50
C VAL C 98 14.62 -16.08 12.75
N PRO C 99 14.88 -17.38 12.89
CA PRO C 99 13.75 -18.33 12.94
C PRO C 99 12.82 -18.10 14.11
N VAL C 100 13.34 -17.54 15.21
CA VAL C 100 12.50 -17.23 16.35
C VAL C 100 11.54 -16.09 15.99
N TYR C 101 12.05 -15.06 15.30
CA TYR C 101 11.21 -13.94 14.94
C TYR C 101 10.26 -14.25 13.80
N GLN C 102 10.62 -15.18 12.91
CA GLN C 102 9.67 -15.62 11.91
C GLN C 102 8.46 -16.27 12.57
N GLU C 103 8.70 -17.06 13.62
CA GLU C 103 7.57 -17.62 14.36
C GLU C 103 6.75 -16.51 15.01
N PHE C 104 7.40 -15.50 15.59
CA PHE C 104 6.67 -14.36 16.12
C PHE C 104 5.76 -13.77 15.06
N ALA C 105 6.31 -13.51 13.86
CA ALA C 105 5.57 -12.85 12.81
C ALA C 105 4.37 -13.67 12.36
N ARG C 106 4.54 -14.98 12.23
CA ARG C 106 3.41 -15.82 11.87
C ARG C 106 2.30 -15.71 12.91
N GLN C 107 2.66 -15.64 14.20
CA GLN C 107 1.63 -15.56 15.24
C GLN C 107 1.00 -14.18 15.28
N ILE C 108 1.79 -13.13 15.02
CA ILE C 108 1.22 -11.79 14.88
C ILE C 108 0.20 -11.76 13.75
N GLY C 109 0.58 -12.24 12.58
CA GLY C 109 -0.29 -12.26 11.42
C GLY C 109 -0.19 -10.97 10.62
N GLU C 110 -0.53 -11.07 9.33
CA GLU C 110 -0.36 -9.95 8.41
C GLU C 110 -1.15 -8.73 8.86
N ALA C 111 -2.41 -8.91 9.25
CA ALA C 111 -3.27 -7.77 9.56
C ALA C 111 -2.74 -6.99 10.77
N ARG C 112 -2.42 -7.69 11.87
CA ARG C 112 -1.94 -6.97 13.05
C ARG C 112 -0.56 -6.37 12.80
N MET C 113 0.30 -7.07 12.06
CA MET C 113 1.61 -6.53 11.73
C MET C 113 1.45 -5.23 10.94
N SER C 114 0.59 -5.22 9.92
CA SER C 114 0.42 -4.05 9.08
C SER C 114 -0.12 -2.87 9.88
N LYS C 115 -1.16 -3.11 10.68
CA LYS C 115 -1.75 -2.05 11.49
C LYS C 115 -0.72 -1.44 12.43
N MET C 116 0.07 -2.28 13.11
CA MET C 116 1.05 -1.79 14.06
C MET C 116 2.16 -0.99 13.38
N LEU C 117 2.64 -1.42 12.22
CA LEU C 117 3.66 -0.63 11.54
C LEU C 117 3.12 0.71 11.08
N HIS C 118 1.83 0.76 10.69
CA HIS C 118 1.22 2.06 10.39
C HIS C 118 1.14 2.91 11.65
N ALA C 119 0.73 2.33 12.77
CA ALA C 119 0.71 3.09 14.01
C ALA C 119 2.11 3.57 14.40
N PHE C 120 3.15 2.79 14.10
CA PHE C 120 4.54 3.20 14.38
C PHE C 120 5.07 4.21 13.37
N ASP C 121 4.34 4.51 12.29
CA ASP C 121 4.84 5.38 11.22
C ASP C 121 6.17 4.86 10.68
N TYR C 122 6.29 3.53 10.60
CA TYR C 122 7.57 2.87 10.36
C TYR C 122 7.87 2.79 8.87
N GLY C 123 8.86 3.55 8.40
CA GLY C 123 9.34 3.38 7.03
C GLY C 123 8.23 3.59 6.04
N ASN C 124 8.20 2.77 4.99
CA ASN C 124 7.11 2.88 4.00
C ASN C 124 5.87 2.07 4.39
N GLU C 125 5.86 1.44 5.57
CA GLU C 125 4.69 0.76 6.13
C GLU C 125 4.16 -0.37 5.25
N ASP C 126 4.98 -0.91 4.36
CA ASP C 126 4.56 -1.90 3.36
C ASP C 126 5.12 -3.26 3.73
N ILE C 127 4.25 -4.19 4.13
CA ILE C 127 4.68 -5.52 4.53
C ILE C 127 4.51 -6.54 3.40
N SER C 128 4.37 -6.10 2.16
CA SER C 128 4.16 -7.02 1.05
C SER C 128 5.21 -8.11 1.03
N GLY C 129 4.76 -9.34 0.76
CA GLY C 129 5.61 -10.50 0.80
C GLY C 129 5.15 -11.51 1.83
N ASN C 130 6.03 -12.42 2.21
CA ASN C 130 5.67 -13.40 3.23
C ASN C 130 5.63 -12.72 4.59
N VAL C 131 4.59 -13.02 5.38
CA VAL C 131 4.46 -12.41 6.70
C VAL C 131 5.68 -12.69 7.55
N ASP C 132 6.39 -13.78 7.28
CA ASP C 132 7.55 -14.16 8.06
C ASP C 132 8.88 -13.91 7.34
N SER C 133 8.88 -13.08 6.29
CA SER C 133 10.16 -12.69 5.69
C SER C 133 10.15 -11.34 4.99
N PHE C 134 9.08 -10.55 5.09
CA PHE C 134 9.01 -9.32 4.29
C PHE C 134 10.11 -8.33 4.67
N TRP C 135 10.60 -8.38 5.91
CA TRP C 135 11.68 -7.48 6.31
C TRP C 135 13.04 -7.93 5.77
N LEU C 136 13.11 -9.11 5.18
CA LEU C 136 14.31 -9.64 4.55
C LEU C 136 14.27 -9.66 3.04
N ASP C 137 13.10 -9.90 2.45
CA ASP C 137 13.03 -9.97 0.99
C ASP C 137 11.68 -9.51 0.48
N GLY C 138 10.93 -8.75 1.27
CA GLY C 138 9.66 -8.19 0.88
C GLY C 138 9.74 -6.74 0.51
N GLY C 139 8.62 -6.03 0.67
CA GLY C 139 8.49 -4.68 0.17
C GLY C 139 8.78 -3.55 1.15
N ILE C 140 9.10 -3.87 2.42
CA ILE C 140 9.28 -2.82 3.42
C ILE C 140 10.62 -2.14 3.20
N ARG C 141 10.65 -0.84 3.39
CA ARG C 141 11.85 -0.04 3.18
C ARG C 141 11.85 1.06 4.23
N ILE C 142 13.03 1.36 4.76
CA ILE C 142 13.20 2.39 5.77
C ILE C 142 14.58 3.00 5.61
N SER C 143 14.66 4.31 5.76
CA SER C 143 15.93 5.03 5.65
C SER C 143 16.56 5.18 7.03
N ALA C 144 17.84 5.59 7.02
CA ALA C 144 18.55 5.83 8.27
C ALA C 144 17.88 6.94 9.09
N THR C 145 17.43 8.02 8.44
CA THR C 145 16.75 9.06 9.22
C THR C 145 15.42 8.58 9.78
N GLU C 146 14.69 7.74 9.03
CA GLU C 146 13.43 7.17 9.51
C GLU C 146 13.66 6.21 10.68
N GLN C 147 14.77 5.47 10.65
CA GLN C 147 15.14 4.64 11.80
C GLN C 147 15.29 5.51 13.04
N ILE C 148 15.98 6.64 12.91
CA ILE C 148 16.17 7.50 14.07
C ILE C 148 14.83 8.03 14.56
N SER C 149 13.95 8.45 13.63
CA SER C 149 12.65 8.97 14.05
C SER C 149 11.89 7.95 14.87
N PHE C 150 11.93 6.69 14.42
CA PHE C 150 11.26 5.61 15.12
C PHE C 150 11.90 5.34 16.48
N LEU C 151 13.24 5.31 16.52
CA LEU C 151 13.95 5.05 17.77
C LEU C 151 13.71 6.16 18.79
N ARG C 152 13.60 7.40 18.35
CA ARG C 152 13.32 8.47 19.30
C ARG C 152 11.98 8.25 19.99
N LYS C 153 10.97 7.80 19.25
CA LYS C 153 9.69 7.51 19.89
C LYS C 153 9.85 6.40 20.92
N LEU C 154 10.58 5.35 20.55
CA LEU C 154 10.84 4.26 21.48
C LEU C 154 11.53 4.77 22.74
N TYR C 155 12.59 5.55 22.56
CA TYR C 155 13.33 6.08 23.71
C TYR C 155 12.40 6.79 24.69
N HIS C 156 11.45 7.58 24.17
CA HIS C 156 10.56 8.39 24.99
C HIS C 156 9.27 7.66 25.37
N ASN C 157 9.18 6.37 25.08
CA ASN C 157 7.97 5.56 25.34
C ASN C 157 6.75 6.14 24.65
N LYS C 158 6.94 6.74 23.47
CA LYS C 158 5.86 7.37 22.73
C LYS C 158 5.27 6.49 21.63
N LEU C 159 5.79 5.28 21.42
CA LEU C 159 5.11 4.40 20.47
C LEU C 159 3.79 3.93 21.06
N HIS C 160 2.88 3.56 20.17
CA HIS C 160 1.53 3.18 20.58
C HIS C 160 1.48 1.68 20.90
N VAL C 161 2.33 1.31 21.86
CA VAL C 161 2.28 0.05 22.58
C VAL C 161 2.51 0.41 24.05
N SER C 162 2.40 -0.58 24.93
CA SER C 162 2.48 -0.24 26.34
C SER C 162 3.89 0.22 26.72
N GLU C 163 3.98 0.97 27.82
CA GLU C 163 5.29 1.34 28.35
C GLU C 163 6.11 0.10 28.63
N ARG C 164 5.48 -0.94 29.17
CA ARG C 164 6.18 -2.17 29.50
C ARG C 164 6.84 -2.79 28.28
N SER C 165 6.10 -2.89 27.18
CA SER C 165 6.69 -3.49 25.98
C SER C 165 7.90 -2.69 25.54
N GLN C 166 7.82 -1.36 25.60
CA GLN C 166 8.94 -0.52 25.19
C GLN C 166 10.12 -0.68 26.14
N ARG C 167 9.86 -0.75 27.45
CA ARG C 167 10.94 -0.98 28.40
C ARG C 167 11.61 -2.33 28.14
N ILE C 168 10.82 -3.37 27.85
CA ILE C 168 11.43 -4.68 27.66
C ILE C 168 12.29 -4.69 26.40
N VAL C 169 11.80 -4.08 25.31
CA VAL C 169 12.61 -4.09 24.09
C VAL C 169 13.89 -3.26 24.27
N LYS C 170 13.80 -2.14 24.96
CA LYS C 170 15.02 -1.37 25.21
C LYS C 170 16.01 -2.14 26.07
N GLN C 171 15.51 -2.97 26.99
CA GLN C 171 16.40 -3.86 27.73
C GLN C 171 17.08 -4.83 26.78
N ALA C 172 16.31 -5.45 25.90
CA ALA C 172 16.85 -6.41 24.93
C ALA C 172 17.81 -5.77 23.94
N MET C 173 17.71 -4.46 23.70
CA MET C 173 18.63 -3.79 22.81
C MET C 173 19.97 -3.49 23.46
N LEU C 174 20.10 -3.71 24.77
CA LEU C 174 21.35 -3.37 25.43
C LEU C 174 22.50 -4.08 24.74
N THR C 175 23.48 -3.31 24.29
CA THR C 175 24.62 -3.85 23.56
C THR C 175 25.93 -3.63 24.29
N GLU C 176 26.14 -2.45 24.86
CA GLU C 176 27.39 -2.14 25.52
C GLU C 176 27.11 -1.12 26.61
N ALA C 177 27.84 -1.23 27.72
CA ALA C 177 27.75 -0.24 28.79
C ALA C 177 29.04 -0.25 29.59
N ASN C 178 29.50 0.95 29.93
CA ASN C 178 30.66 1.14 30.78
C ASN C 178 30.46 2.47 31.52
N GLY C 179 31.50 2.91 32.23
CA GLY C 179 31.37 4.15 32.99
C GLY C 179 31.20 5.39 32.14
N ASP C 180 31.35 5.27 30.84
CA ASP C 180 31.30 6.43 29.94
C ASP C 180 30.02 6.51 29.11
N TYR C 181 29.41 5.38 28.75
CA TYR C 181 28.24 5.45 27.88
C TYR C 181 27.51 4.11 27.94
N ILE C 182 26.26 4.13 27.45
CA ILE C 182 25.46 2.93 27.21
C ILE C 182 25.02 2.96 25.77
N ILE C 183 25.16 1.85 25.06
CA ILE C 183 24.65 1.72 23.70
C ILE C 183 23.52 0.70 23.73
N ARG C 184 22.34 1.13 23.27
CA ARG C 184 21.23 0.25 22.95
C ARG C 184 21.07 0.31 21.43
N ALA C 185 21.12 -0.84 20.77
CA ALA C 185 21.27 -0.86 19.32
C ALA C 185 20.86 -2.21 18.78
N LYS C 186 20.70 -2.28 17.45
CA LYS C 186 20.40 -3.52 16.77
C LYS C 186 21.09 -3.53 15.42
N THR C 187 21.79 -4.63 15.12
CA THR C 187 22.43 -4.82 13.83
C THR C 187 21.45 -5.39 12.81
N GLY C 188 21.78 -5.19 11.54
CA GLY C 188 21.06 -5.82 10.45
C GLY C 188 22.00 -6.17 9.34
N TYR C 189 21.62 -7.19 8.57
CA TYR C 189 22.40 -7.64 7.43
C TYR C 189 21.40 -8.06 6.36
N SER C 190 21.32 -7.28 5.29
CA SER C 190 20.34 -7.51 4.23
C SER C 190 21.08 -8.16 3.07
N THR C 191 20.81 -9.44 2.82
CA THR C 191 21.54 -10.24 1.85
C THR C 191 20.70 -10.81 0.72
N ARG C 192 19.36 -10.79 0.84
CA ARG C 192 18.50 -11.50 -0.08
C ARG C 192 18.16 -10.70 -1.32
N ILE C 193 18.17 -9.37 -1.21
CA ILE C 193 17.83 -8.47 -2.30
C ILE C 193 18.92 -7.40 -2.40
N GLU C 194 19.37 -7.13 -3.62
CA GLU C 194 20.38 -6.10 -3.79
C GLU C 194 19.78 -4.73 -3.49
N PRO C 195 20.60 -3.79 -3.00
CA PRO C 195 22.03 -3.95 -2.70
C PRO C 195 22.24 -4.62 -1.33
N LYS C 196 23.20 -5.52 -1.20
CA LYS C 196 23.47 -6.12 0.10
C LYS C 196 24.09 -5.05 1.00
N ILE C 197 23.52 -4.85 2.18
CA ILE C 197 23.98 -3.82 3.09
C ILE C 197 23.99 -4.35 4.52
N GLY C 198 24.78 -3.68 5.36
CA GLY C 198 24.75 -3.87 6.79
C GLY C 198 24.19 -2.63 7.44
N TRP C 199 23.50 -2.84 8.56
CA TRP C 199 22.88 -1.80 9.37
C TRP C 199 23.43 -1.85 10.79
N TRP C 200 23.46 -0.68 11.44
CA TRP C 200 23.51 -0.61 12.90
C TRP C 200 22.74 0.64 13.31
N VAL C 201 21.69 0.46 14.11
CA VAL C 201 20.84 1.56 14.53
C VAL C 201 20.61 1.49 16.03
N GLY C 202 20.55 2.64 16.67
CA GLY C 202 20.28 2.69 18.10
C GLY C 202 20.59 4.05 18.67
N TRP C 203 21.12 4.06 19.89
CA TRP C 203 21.52 5.32 20.49
C TRP C 203 22.60 5.09 21.53
N VAL C 204 23.27 6.19 21.85
CA VAL C 204 24.30 6.28 22.88
C VAL C 204 23.75 7.16 23.99
N GLU C 205 23.60 6.58 25.18
CA GLU C 205 23.18 7.33 26.36
C GLU C 205 24.41 7.86 27.07
N LEU C 206 24.43 9.17 27.31
CA LEU C 206 25.43 9.84 28.10
C LEU C 206 24.77 10.37 29.37
N ASP C 207 25.61 10.89 30.27
CA ASP C 207 25.08 11.44 31.51
C ASP C 207 24.02 12.50 31.25
N ASP C 208 24.25 13.37 30.25
CA ASP C 208 23.46 14.57 30.08
C ASP C 208 22.86 14.71 28.69
N ASN C 209 22.89 13.67 27.86
CA ASN C 209 22.40 13.76 26.49
C ASN C 209 22.21 12.35 25.96
N VAL C 210 21.50 12.26 24.86
CA VAL C 210 21.35 11.02 24.11
C VAL C 210 21.69 11.33 22.66
N TRP C 211 22.52 10.50 22.06
CA TRP C 211 22.83 10.61 20.64
C TRP C 211 22.24 9.40 19.93
N PHE C 212 21.24 9.64 19.09
CA PHE C 212 20.71 8.57 18.27
C PHE C 212 21.59 8.39 17.04
N PHE C 213 21.65 7.16 16.54
CA PHE C 213 22.45 6.89 15.36
C PHE C 213 21.79 5.84 14.49
N ALA C 214 22.05 5.94 13.19
CA ALA C 214 21.66 4.91 12.25
C ALA C 214 22.69 4.92 11.14
N MET C 215 23.27 3.76 10.87
CA MET C 215 24.26 3.64 9.82
C MET C 215 23.90 2.46 8.93
N ASN C 216 24.20 2.60 7.64
CA ASN C 216 24.24 1.43 6.78
C ASN C 216 25.41 1.58 5.82
N MET C 217 25.83 0.44 5.29
CA MET C 217 27.02 0.38 4.44
C MET C 217 26.87 -0.81 3.50
N ASP C 218 27.46 -0.67 2.31
CA ASP C 218 27.48 -1.79 1.37
C ASP C 218 28.21 -2.97 2.02
N MET C 219 27.65 -4.16 1.82
CA MET C 219 28.14 -5.37 2.48
C MET C 219 28.12 -6.52 1.47
N PRO C 220 29.03 -6.49 0.50
CA PRO C 220 29.04 -7.55 -0.52
C PRO C 220 29.30 -8.94 0.04
N THR C 221 30.09 -9.06 1.12
CA THR C 221 30.32 -10.33 1.77
C THR C 221 30.25 -10.12 3.27
N SER C 222 30.12 -11.23 4.02
CA SER C 222 30.07 -11.14 5.47
C SER C 222 31.39 -10.71 6.10
N ASP C 223 32.45 -10.60 5.30
CA ASP C 223 33.76 -10.24 5.83
C ASP C 223 33.75 -8.91 6.55
N GLY C 224 32.92 -7.97 6.12
CA GLY C 224 32.95 -6.62 6.63
C GLY C 224 31.95 -6.32 7.74
N LEU C 225 31.28 -7.33 8.29
CA LEU C 225 30.20 -7.03 9.23
C LEU C 225 30.71 -6.25 10.44
N GLY C 226 31.89 -6.58 10.94
CA GLY C 226 32.43 -5.86 12.09
C GLY C 226 32.65 -4.38 11.81
N LEU C 227 32.65 -3.97 10.55
CA LEU C 227 32.83 -2.58 10.22
C LEU C 227 31.62 -1.73 10.57
N ARG C 228 30.44 -2.34 10.69
CA ARG C 228 29.26 -1.56 11.05
C ARG C 228 29.49 -0.82 12.36
N GLN C 229 29.90 -1.54 13.40
CA GLN C 229 30.16 -0.91 14.69
C GLN C 229 31.44 -0.11 14.69
N ALA C 230 32.47 -0.59 13.99
CA ALA C 230 33.77 0.05 14.04
C ALA C 230 33.75 1.43 13.40
N ILE C 231 33.10 1.55 12.23
CA ILE C 231 33.02 2.84 11.57
C ILE C 231 32.17 3.81 12.39
N THR C 232 31.04 3.32 12.90
CA THR C 232 30.20 4.14 13.77
C THR C 232 31.00 4.68 14.94
N LYS C 233 31.77 3.81 15.60
CA LYS C 233 32.52 4.25 16.77
C LYS C 233 33.62 5.23 16.40
N GLU C 234 34.22 5.09 15.21
CA GLU C 234 35.21 6.08 14.79
C GLU C 234 34.57 7.46 14.65
N VAL C 235 33.33 7.49 14.14
CA VAL C 235 32.61 8.77 14.03
C VAL C 235 32.27 9.28 15.42
N LEU C 236 31.75 8.41 16.29
CA LEU C 236 31.44 8.86 17.64
C LEU C 236 32.68 9.39 18.35
N LYS C 237 33.83 8.73 18.16
CA LYS C 237 35.06 9.21 18.77
C LYS C 237 35.50 10.53 18.17
N GLN C 238 35.37 10.68 16.85
CA GLN C 238 35.74 11.95 16.21
C GLN C 238 34.91 13.09 16.77
N GLU C 239 33.63 12.85 16.99
CA GLU C 239 32.75 13.88 17.52
C GLU C 239 32.79 14.00 19.03
N LYS C 240 33.73 13.30 19.68
CA LYS C 240 33.94 13.38 21.13
C LYS C 240 32.70 12.99 21.91
N ILE C 241 31.87 12.14 21.31
CA ILE C 241 30.70 11.60 22.00
C ILE C 241 31.11 10.46 22.93
N ILE C 242 32.08 9.66 22.51
CA ILE C 242 32.68 8.64 23.37
C ILE C 242 34.18 8.85 23.36
N PRO C 243 34.88 8.39 24.41
CA PRO C 243 36.33 8.55 24.47
C PRO C 243 37.07 7.76 23.39
N GLU D 2 -26.97 20.27 22.32
CA GLU D 2 -25.90 20.68 21.41
C GLU D 2 -24.89 19.56 21.21
N TRP D 3 -24.27 19.56 20.03
CA TRP D 3 -23.31 18.54 19.67
C TRP D 3 -22.06 19.20 19.14
N GLN D 4 -20.90 18.65 19.54
CA GLN D 4 -19.62 19.12 19.05
C GLN D 4 -18.85 17.94 18.47
N GLU D 5 -18.22 18.19 17.34
CA GLU D 5 -17.44 17.18 16.64
C GLU D 5 -15.97 17.39 16.99
N ASN D 6 -15.33 16.32 17.44
CA ASN D 6 -13.90 16.33 17.79
C ASN D 6 -13.24 15.27 16.91
N LYS D 7 -12.76 15.68 15.74
CA LYS D 7 -12.15 14.76 14.80
C LYS D 7 -10.82 14.22 15.29
N SER D 8 -10.25 14.80 16.34
CA SER D 8 -8.99 14.30 16.87
C SER D 8 -9.16 12.89 17.42
N TRP D 9 -10.38 12.52 17.81
CA TRP D 9 -10.61 11.15 18.24
C TRP D 9 -10.47 10.16 17.10
N ASN D 10 -10.54 10.63 15.84
CA ASN D 10 -10.34 9.72 14.72
C ASN D 10 -9.00 9.02 14.80
N ALA D 11 -8.01 9.64 15.44
CA ALA D 11 -6.70 9.04 15.59
C ALA D 11 -6.79 7.66 16.26
N HIS D 12 -7.69 7.52 17.24
CA HIS D 12 -7.81 6.26 17.96
C HIS D 12 -8.36 5.17 17.06
N PHE D 13 -9.13 5.53 16.03
CA PHE D 13 -9.61 4.54 15.08
C PHE D 13 -8.56 4.26 14.00
N THR D 14 -8.00 5.32 13.41
CA THR D 14 -7.08 5.15 12.28
C THR D 14 -5.80 4.43 12.71
N GLU D 15 -5.41 4.56 13.98
CA GLU D 15 -4.25 3.83 14.47
C GLU D 15 -4.40 2.33 14.27
N HIS D 16 -5.64 1.81 14.28
CA HIS D 16 -5.89 0.40 14.07
C HIS D 16 -6.46 0.12 12.68
N LYS D 17 -6.28 1.05 11.74
CA LYS D 17 -6.85 0.92 10.40
C LYS D 17 -8.32 0.53 10.49
N SER D 18 -9.02 1.12 11.45
CA SER D 18 -10.43 0.85 11.67
C SER D 18 -11.21 2.14 11.46
N GLN D 19 -12.53 1.99 11.44
CA GLN D 19 -13.43 3.11 11.28
C GLN D 19 -14.61 2.91 12.21
N GLY D 20 -15.05 4.00 12.82
CA GLY D 20 -16.15 3.90 13.75
C GLY D 20 -16.42 5.25 14.38
N VAL D 21 -17.27 5.21 15.40
CA VAL D 21 -17.71 6.41 16.06
C VAL D 21 -17.77 6.18 17.56
N VAL D 22 -17.36 7.20 18.32
CA VAL D 22 -17.63 7.29 19.76
C VAL D 22 -18.52 8.50 19.98
N VAL D 23 -19.59 8.30 20.75
CA VAL D 23 -20.48 9.38 21.14
C VAL D 23 -20.48 9.46 22.66
N LEU D 24 -20.26 10.68 23.19
CA LEU D 24 -20.31 10.92 24.63
C LEU D 24 -21.37 11.96 24.93
N TRP D 25 -22.04 11.80 26.07
CA TRP D 25 -23.03 12.75 26.55
C TRP D 25 -22.73 13.11 28.01
N ASN D 26 -22.48 14.39 28.25
CA ASN D 26 -22.23 14.94 29.57
C ASN D 26 -23.58 15.28 30.19
N GLU D 27 -24.00 14.47 31.18
CA GLU D 27 -25.34 14.62 31.74
C GLU D 27 -25.51 15.96 32.45
N ASN D 28 -24.52 16.36 33.25
CA ASN D 28 -24.64 17.63 33.97
C ASN D 28 -24.83 18.79 33.00
N LYS D 29 -24.03 18.82 31.94
CA LYS D 29 -24.00 19.94 31.03
C LYS D 29 -24.99 19.82 29.88
N GLN D 30 -25.60 18.66 29.70
CA GLN D 30 -26.54 18.43 28.60
C GLN D 30 -25.88 18.78 27.27
N GLN D 31 -24.68 18.23 27.08
CA GLN D 31 -23.87 18.46 25.90
C GLN D 31 -23.30 17.15 25.41
N GLY D 32 -23.26 16.99 24.09
CA GLY D 32 -22.73 15.80 23.45
C GLY D 32 -21.48 16.06 22.64
N PHE D 33 -20.69 15.00 22.44
CA PHE D 33 -19.40 15.06 21.78
C PHE D 33 -19.22 13.79 20.97
N THR D 34 -18.70 13.94 19.74
CA THR D 34 -18.45 12.77 18.91
C THR D 34 -17.35 13.09 17.91
N ASN D 35 -16.70 12.04 17.40
CA ASN D 35 -15.74 12.22 16.33
C ASN D 35 -16.38 12.31 14.95
N ASN D 36 -17.65 11.93 14.81
CA ASN D 36 -18.29 11.83 13.49
C ASN D 36 -19.79 11.99 13.68
N LEU D 37 -20.28 13.22 13.48
CA LEU D 37 -21.69 13.51 13.68
C LEU D 37 -22.58 12.66 12.77
N LYS D 38 -22.15 12.42 11.54
CA LYS D 38 -22.95 11.59 10.63
C LYS D 38 -23.10 10.17 11.17
N ARG D 39 -21.98 9.49 11.45
CA ARG D 39 -22.07 8.11 11.88
C ARG D 39 -22.69 8.01 13.27
N ALA D 40 -22.58 9.05 14.09
CA ALA D 40 -23.26 9.06 15.39
C ALA D 40 -24.76 8.86 15.22
N ASN D 41 -25.31 9.27 14.07
CA ASN D 41 -26.73 9.17 13.81
C ASN D 41 -27.05 8.07 12.82
N GLN D 42 -26.08 7.25 12.45
CA GLN D 42 -26.35 6.14 11.56
C GLN D 42 -26.92 4.98 12.35
N ALA D 43 -28.02 4.42 11.86
CA ALA D 43 -28.73 3.36 12.58
C ALA D 43 -28.28 2.00 12.08
N PHE D 44 -27.91 1.14 13.01
CA PHE D 44 -27.45 -0.22 12.73
C PHE D 44 -28.29 -1.22 13.51
N LEU D 45 -28.19 -2.47 13.12
CA LEU D 45 -28.69 -3.52 13.98
C LEU D 45 -28.06 -3.39 15.35
N PRO D 46 -28.85 -3.52 16.43
CA PRO D 46 -28.28 -3.39 17.79
C PRO D 46 -27.50 -4.61 18.25
N ALA D 47 -27.77 -5.78 17.66
CA ALA D 47 -27.21 -7.06 18.08
C ALA D 47 -27.34 -7.18 19.59
N SER D 48 -26.31 -7.65 20.28
CA SER D 48 -26.52 -7.98 21.68
C SER D 48 -26.71 -6.76 22.58
N THR D 49 -26.54 -5.52 22.09
CA THR D 49 -26.97 -4.40 22.93
C THR D 49 -28.48 -4.44 23.14
N PHE D 50 -29.20 -5.21 22.33
CA PHE D 50 -30.64 -5.35 22.52
C PHE D 50 -30.94 -6.12 23.81
N KCX D 51 -29.93 -6.74 24.42
CA KCX D 51 -30.21 -7.48 25.66
CB KCX D 51 -29.00 -8.31 26.09
CG KCX D 51 -28.83 -9.58 25.22
CD KCX D 51 -27.71 -10.53 25.65
CE KCX D 51 -27.69 -11.79 24.74
NZ KCX D 51 -27.35 -11.40 23.33
C KCX D 51 -30.66 -6.51 26.74
O KCX D 51 -31.34 -6.93 27.69
CX KCX D 51 -28.27 -11.30 22.36
OQ1 KCX D 51 -27.89 -10.96 21.23
OQ2 KCX D 51 -29.47 -11.53 22.58
H KCX D 51 -29.11 -6.74 24.16
HA KCX D 51 -30.85 -8.02 25.50
HB2 KCX D 51 -28.30 -7.84 26.01
HG2 KCX D 51 -28.68 -9.35 24.42
HD2 KCX D 51 -26.96 -10.14 25.57
HE2 KCX D 51 -28.47 -12.14 24.73
N ILE D 52 -30.37 -5.22 26.59
CA ILE D 52 -30.86 -4.27 27.59
C ILE D 52 -32.37 -4.12 27.53
N PRO D 53 -32.95 -3.69 26.41
CA PRO D 53 -34.43 -3.63 26.37
C PRO D 53 -35.07 -5.00 26.53
N ASN D 54 -34.48 -6.06 25.97
CA ASN D 54 -35.05 -7.40 26.11
C ASN D 54 -35.14 -7.79 27.59
N SER D 55 -34.08 -7.52 28.37
CA SER D 55 -34.10 -7.82 29.80
C SER D 55 -35.21 -7.05 30.51
N LEU D 56 -35.32 -5.74 30.22
CA LEU D 56 -36.35 -4.93 30.85
C LEU D 56 -37.73 -5.51 30.58
N ILE D 57 -38.00 -5.86 29.33
CA ILE D 57 -39.32 -6.36 28.97
C ILE D 57 -39.56 -7.70 29.64
N ALA D 58 -38.57 -8.58 29.61
CA ALA D 58 -38.75 -9.89 30.22
C ALA D 58 -39.03 -9.77 31.72
N LEU D 59 -38.34 -8.86 32.39
CA LEU D 59 -38.58 -8.67 33.82
C LEU D 59 -39.96 -8.07 34.07
N ASP D 60 -40.33 -7.04 33.30
CA ASP D 60 -41.59 -6.36 33.61
C ASP D 60 -42.78 -7.27 33.37
N LEU D 61 -42.65 -8.21 32.43
CA LEU D 61 -43.74 -9.13 32.11
C LEU D 61 -43.71 -10.39 32.97
N GLY D 62 -42.69 -10.56 33.82
CA GLY D 62 -42.60 -11.75 34.63
C GLY D 62 -42.05 -12.95 33.91
N VAL D 63 -41.59 -12.79 32.67
CA VAL D 63 -40.89 -13.88 31.99
C VAL D 63 -39.65 -14.26 32.77
N VAL D 64 -38.96 -13.27 33.32
CA VAL D 64 -37.86 -13.47 34.27
C VAL D 64 -38.34 -12.95 35.62
N LYS D 65 -38.27 -13.81 36.65
CA LYS D 65 -38.78 -13.42 37.97
C LYS D 65 -37.84 -12.49 38.69
N ASP D 66 -36.54 -12.78 38.67
CA ASP D 66 -35.52 -11.96 39.30
C ASP D 66 -34.17 -12.35 38.71
N GLU D 67 -33.10 -11.73 39.21
CA GLU D 67 -31.76 -11.90 38.67
C GLU D 67 -31.12 -13.21 39.11
N HIS D 68 -31.81 -13.99 39.95
CA HIS D 68 -31.33 -15.29 40.42
C HIS D 68 -31.94 -16.46 39.68
N GLN D 69 -33.07 -16.25 39.00
CA GLN D 69 -33.71 -17.36 38.29
C GLN D 69 -32.73 -18.00 37.33
N VAL D 70 -32.66 -19.33 37.36
CA VAL D 70 -31.71 -20.08 36.54
C VAL D 70 -32.41 -20.54 35.26
N PHE D 71 -31.79 -20.22 34.12
CA PHE D 71 -32.23 -20.70 32.82
C PHE D 71 -31.28 -21.82 32.40
N LYS D 72 -31.80 -23.04 32.44
CA LYS D 72 -30.98 -24.22 32.20
C LYS D 72 -30.47 -24.26 30.77
N TRP D 73 -29.21 -24.65 30.62
CA TRP D 73 -28.68 -24.98 29.31
C TRP D 73 -29.58 -26.01 28.65
N ASP D 74 -29.93 -25.79 27.39
CA ASP D 74 -30.78 -26.76 26.71
C ASP D 74 -30.02 -27.98 26.19
N GLY D 75 -28.71 -28.08 26.43
CA GLY D 75 -27.94 -29.24 26.03
C GLY D 75 -27.43 -29.24 24.60
N GLN D 76 -27.66 -28.19 23.82
CA GLN D 76 -27.10 -28.06 22.49
C GLN D 76 -25.74 -27.39 22.60
N THR D 77 -24.69 -28.08 22.15
CA THR D 77 -23.34 -27.53 22.21
C THR D 77 -23.18 -26.49 21.10
N ARG D 78 -22.91 -25.25 21.51
CA ARG D 78 -22.71 -24.14 20.60
C ARG D 78 -21.24 -23.71 20.64
N ASP D 79 -20.88 -22.84 19.70
CA ASP D 79 -19.47 -22.53 19.49
C ASP D 79 -18.89 -21.61 20.55
N ILE D 80 -19.73 -20.97 21.37
CA ILE D 80 -19.28 -20.14 22.47
C ILE D 80 -19.36 -20.99 23.73
N ALA D 81 -18.21 -21.41 24.25
CA ALA D 81 -18.18 -22.35 25.37
C ALA D 81 -19.00 -21.83 26.55
N THR D 82 -18.91 -20.53 26.85
CA THR D 82 -19.62 -20.01 28.02
C THR D 82 -21.13 -20.10 27.90
N TRP D 83 -21.65 -20.33 26.70
CA TRP D 83 -23.09 -20.49 26.52
C TRP D 83 -23.58 -21.88 26.89
N ASN D 84 -22.68 -22.87 26.97
CA ASN D 84 -23.07 -24.26 27.19
C ASN D 84 -23.11 -24.60 28.68
N ARG D 85 -23.88 -23.81 29.43
CA ARG D 85 -23.97 -23.96 30.88
C ARG D 85 -25.24 -23.24 31.32
N ASP D 86 -25.63 -23.46 32.56
CA ASP D 86 -26.76 -22.74 33.12
C ASP D 86 -26.39 -21.27 33.35
N HIS D 87 -27.39 -20.40 33.30
CA HIS D 87 -27.20 -18.98 33.46
C HIS D 87 -28.34 -18.37 34.26
N ASN D 88 -28.04 -17.25 34.92
CA ASN D 88 -29.08 -16.34 35.36
C ASN D 88 -28.96 -15.05 34.55
N LEU D 89 -29.79 -14.07 34.90
CA LEU D 89 -29.80 -12.82 34.12
C LEU D 89 -28.44 -12.14 34.14
N ILE D 90 -27.76 -12.15 35.29
CA ILE D 90 -26.45 -11.51 35.42
C ILE D 90 -25.44 -12.16 34.50
N THR D 91 -25.34 -13.49 34.57
CA THR D 91 -24.34 -14.18 33.76
C THR D 91 -24.74 -14.19 32.29
N ALA D 92 -26.04 -14.22 32.01
CA ALA D 92 -26.48 -14.23 30.61
C ALA D 92 -26.13 -12.92 29.94
N MET D 93 -26.27 -11.81 30.67
CA MET D 93 -25.83 -10.53 30.13
C MET D 93 -24.30 -10.50 30.03
N LYS D 94 -23.61 -10.95 31.09
CA LYS D 94 -22.14 -10.93 31.10
C LYS D 94 -21.56 -11.65 29.89
N TYR D 95 -22.09 -12.83 29.57
CA TYR D 95 -21.56 -13.67 28.49
C TYR D 95 -22.37 -13.56 27.21
N SER D 96 -23.28 -12.59 27.12
CA SER D 96 -24.07 -12.32 25.92
C SER D 96 -24.68 -13.61 25.40
N VAL D 97 -25.40 -14.31 26.28
CA VAL D 97 -25.89 -15.64 25.96
C VAL D 97 -27.14 -15.55 25.10
N VAL D 98 -26.93 -15.47 23.77
CA VAL D 98 -28.04 -15.32 22.83
C VAL D 98 -29.17 -16.32 23.07
N PRO D 99 -28.91 -17.63 23.20
CA PRO D 99 -30.03 -18.58 23.24
C PRO D 99 -30.94 -18.36 24.43
N VAL D 100 -30.42 -17.83 25.53
CA VAL D 100 -31.27 -17.54 26.68
C VAL D 100 -32.21 -16.40 26.35
N TYR D 101 -31.69 -15.37 25.68
CA TYR D 101 -32.51 -14.21 25.33
C TYR D 101 -33.48 -14.52 24.19
N GLN D 102 -33.15 -15.49 23.33
CA GLN D 102 -34.11 -15.93 22.32
C GLN D 102 -35.31 -16.58 22.99
N GLU D 103 -35.08 -17.39 24.03
CA GLU D 103 -36.20 -17.95 24.77
C GLU D 103 -37.04 -16.85 25.40
N PHE D 104 -36.40 -15.82 25.98
CA PHE D 104 -37.15 -14.68 26.52
C PHE D 104 -38.06 -14.09 25.46
N ALA D 105 -37.50 -13.80 24.29
CA ALA D 105 -38.25 -13.15 23.23
C ALA D 105 -39.44 -13.99 22.79
N ARG D 106 -39.24 -15.31 22.67
CA ARG D 106 -40.37 -16.15 22.29
C ARG D 106 -41.48 -16.06 23.31
N GLN D 107 -41.14 -16.01 24.61
CA GLN D 107 -42.17 -15.94 25.64
C GLN D 107 -42.81 -14.56 25.69
N ILE D 108 -42.02 -13.52 25.44
CA ILE D 108 -42.58 -12.18 25.29
C ILE D 108 -43.60 -12.13 24.17
N GLY D 109 -43.21 -12.60 22.98
CA GLY D 109 -44.08 -12.60 21.83
C GLY D 109 -44.01 -11.31 21.04
N GLU D 110 -44.40 -11.41 19.76
CA GLU D 110 -44.28 -10.28 18.82
C GLU D 110 -45.08 -9.08 19.30
N ALA D 111 -46.34 -9.31 19.70
CA ALA D 111 -47.23 -8.19 20.01
C ALA D 111 -46.70 -7.39 21.19
N ARG D 112 -46.33 -8.07 22.27
CA ARG D 112 -45.85 -7.35 23.45
C ARG D 112 -44.47 -6.74 23.18
N MET D 113 -43.61 -7.44 22.44
CA MET D 113 -42.30 -6.88 22.13
C MET D 113 -42.45 -5.57 21.36
N SER D 114 -43.32 -5.57 20.35
CA SER D 114 -43.51 -4.38 19.51
C SER D 114 -44.07 -3.21 20.34
N LYS D 115 -45.11 -3.48 21.13
CA LYS D 115 -45.67 -2.42 21.98
C LYS D 115 -44.59 -1.82 22.88
N MET D 116 -43.77 -2.67 23.51
CA MET D 116 -42.77 -2.19 24.46
C MET D 116 -41.70 -1.35 23.78
N LEU D 117 -41.25 -1.78 22.59
CA LEU D 117 -40.24 -0.97 21.91
C LEU D 117 -40.82 0.36 21.46
N HIS D 118 -42.10 0.41 21.08
CA HIS D 118 -42.71 1.70 20.80
C HIS D 118 -42.79 2.55 22.07
N ALA D 119 -43.18 1.94 23.20
CA ALA D 119 -43.19 2.68 24.45
C ALA D 119 -41.79 3.19 24.82
N PHE D 120 -40.75 2.43 24.49
CA PHE D 120 -39.37 2.83 24.75
C PHE D 120 -38.84 3.87 23.75
N ASP D 121 -39.56 4.15 22.66
CA ASP D 121 -39.04 5.04 21.61
C ASP D 121 -37.71 4.51 21.07
N TYR D 122 -37.59 3.18 20.98
CA TYR D 122 -36.32 2.50 20.74
C TYR D 122 -36.04 2.40 19.24
N GLY D 123 -35.04 3.16 18.77
CA GLY D 123 -34.60 3.01 17.39
C GLY D 123 -35.73 3.25 16.43
N ASN D 124 -35.78 2.46 15.36
CA ASN D 124 -36.86 2.57 14.39
C ASN D 124 -38.09 1.73 14.79
N GLU D 125 -38.06 1.08 15.96
CA GLU D 125 -39.21 0.41 16.55
C GLU D 125 -39.75 -0.73 15.68
N ASP D 126 -38.92 -1.28 14.80
CA ASP D 126 -39.34 -2.24 13.77
C ASP D 126 -38.79 -3.62 14.13
N ILE D 127 -39.66 -4.55 14.53
CA ILE D 127 -39.22 -5.88 14.94
C ILE D 127 -39.39 -6.90 13.82
N SER D 128 -39.54 -6.44 12.58
CA SER D 128 -39.75 -7.35 11.47
C SER D 128 -38.70 -8.44 11.45
N GLY D 129 -39.16 -9.66 11.19
CA GLY D 129 -38.29 -10.82 11.23
C GLY D 129 -38.74 -11.82 12.27
N ASN D 130 -37.86 -12.75 12.63
CA ASN D 130 -38.21 -13.72 13.65
C ASN D 130 -38.26 -13.04 15.01
N VAL D 131 -39.30 -13.35 15.79
CA VAL D 131 -39.41 -12.71 17.11
C VAL D 131 -38.18 -12.98 17.95
N ASP D 132 -37.47 -14.07 17.67
CA ASP D 132 -36.29 -14.45 18.45
C ASP D 132 -34.97 -14.18 17.73
N SER D 133 -34.97 -13.36 16.67
CA SER D 133 -33.67 -12.99 16.08
C SER D 133 -33.66 -11.62 15.41
N PHE D 134 -34.72 -10.82 15.51
CA PHE D 134 -34.79 -9.61 14.71
C PHE D 134 -33.69 -8.62 15.06
N TRP D 135 -33.18 -8.66 16.31
CA TRP D 135 -32.11 -7.76 16.70
C TRP D 135 -30.76 -8.18 16.15
N LEU D 136 -30.68 -9.37 15.56
CA LEU D 136 -29.49 -9.89 14.91
C LEU D 136 -29.57 -9.90 13.40
N ASP D 137 -30.76 -10.15 12.82
CA ASP D 137 -30.88 -10.23 11.37
C ASP D 137 -32.25 -9.77 10.86
N GLY D 138 -32.99 -9.02 11.65
CA GLY D 138 -34.27 -8.49 11.28
C GLY D 138 -34.20 -7.01 10.94
N GLY D 139 -35.33 -6.34 11.10
CA GLY D 139 -35.49 -4.99 10.60
C GLY D 139 -35.23 -3.87 11.56
N ILE D 140 -34.90 -4.17 12.82
CA ILE D 140 -34.72 -3.14 13.84
C ILE D 140 -33.38 -2.44 13.63
N ARG D 141 -33.37 -1.12 13.84
CA ARG D 141 -32.18 -0.32 13.63
C ARG D 141 -32.15 0.79 14.67
N ILE D 142 -30.96 1.09 15.17
CA ILE D 142 -30.78 2.11 16.20
C ILE D 142 -29.41 2.73 16.03
N SER D 143 -29.34 4.05 16.19
CA SER D 143 -28.08 4.77 16.09
C SER D 143 -27.43 4.93 17.48
N ALA D 144 -26.18 5.34 17.48
CA ALA D 144 -25.46 5.61 18.72
C ALA D 144 -26.13 6.71 19.53
N THR D 145 -26.59 7.79 18.89
CA THR D 145 -27.28 8.82 19.68
C THR D 145 -28.62 8.32 20.21
N GLU D 146 -29.30 7.47 19.45
CA GLU D 146 -30.55 6.89 19.94
C GLU D 146 -30.30 5.93 21.11
N GLN D 147 -29.17 5.20 21.08
CA GLN D 147 -28.78 4.39 22.23
C GLN D 147 -28.62 5.26 23.46
N ILE D 148 -27.96 6.41 23.33
CA ILE D 148 -27.78 7.28 24.49
C ILE D 148 -29.12 7.78 25.00
N SER D 149 -30.03 8.19 24.10
CA SER D 149 -31.33 8.70 24.54
C SER D 149 -32.07 7.65 25.34
N PHE D 150 -32.01 6.39 24.90
CA PHE D 150 -32.66 5.28 25.60
C PHE D 150 -31.99 5.01 26.94
N LEU D 151 -30.65 5.03 26.97
CA LEU D 151 -29.94 4.77 28.23
C LEU D 151 -30.18 5.88 29.25
N ARG D 152 -30.31 7.12 28.80
CA ARG D 152 -30.60 8.20 29.74
C ARG D 152 -31.93 7.97 30.44
N LYS D 153 -32.93 7.49 29.70
CA LYS D 153 -34.21 7.17 30.33
C LYS D 153 -34.02 6.06 31.35
N LEU D 154 -33.28 5.02 30.96
CA LEU D 154 -33.03 3.92 31.89
C LEU D 154 -32.32 4.42 33.13
N TYR D 155 -31.26 5.21 32.95
CA TYR D 155 -30.51 5.72 34.10
C TYR D 155 -31.44 6.42 35.09
N HIS D 156 -32.38 7.21 34.57
CA HIS D 156 -33.28 8.00 35.39
C HIS D 156 -34.57 7.26 35.77
N ASN D 157 -34.67 5.97 35.47
CA ASN D 157 -35.88 5.18 35.74
C ASN D 157 -37.11 5.76 35.03
N LYS D 158 -36.92 6.35 33.85
CA LYS D 158 -38.01 6.98 33.11
C LYS D 158 -38.59 6.10 32.00
N LEU D 159 -38.06 4.89 31.80
CA LEU D 159 -38.71 4.01 30.84
C LEU D 159 -40.03 3.52 31.40
N HIS D 160 -40.94 3.15 30.49
CA HIS D 160 -42.28 2.76 30.90
C HIS D 160 -42.34 1.26 31.20
N VAL D 161 -41.49 0.88 32.16
CA VAL D 161 -41.56 -0.37 32.90
C VAL D 161 -41.32 0.01 34.36
N SER D 162 -41.43 -0.96 35.26
CA SER D 162 -41.38 -0.62 36.69
C SER D 162 -39.98 -0.15 37.09
N GLU D 163 -39.92 0.60 38.19
CA GLU D 163 -38.61 0.96 38.74
C GLU D 163 -37.78 -0.28 39.03
N ARG D 164 -38.42 -1.33 39.57
CA ARG D 164 -37.70 -2.55 39.92
C ARG D 164 -37.03 -3.15 38.70
N SER D 165 -37.76 -3.26 37.58
CA SER D 165 -37.17 -3.84 36.38
C SER D 165 -35.96 -3.04 35.94
N GLN D 166 -36.05 -1.71 35.98
CA GLN D 166 -34.92 -0.88 35.57
C GLN D 166 -33.73 -1.02 36.52
N ARG D 167 -33.99 -1.09 37.82
CA ARG D 167 -32.89 -1.31 38.76
C ARG D 167 -32.20 -2.65 38.51
N ILE D 168 -32.98 -3.70 38.24
CA ILE D 168 -32.36 -5.01 38.05
C ILE D 168 -31.50 -5.01 36.78
N VAL D 169 -31.99 -4.41 35.70
CA VAL D 169 -31.19 -4.38 34.48
C VAL D 169 -29.92 -3.56 34.67
N LYS D 170 -30.02 -2.44 35.38
CA LYS D 170 -28.80 -1.66 35.62
C LYS D 170 -27.81 -2.44 36.47
N GLN D 171 -28.28 -3.27 37.41
CA GLN D 171 -27.38 -4.17 38.11
C GLN D 171 -26.72 -5.15 37.16
N ALA D 172 -27.53 -5.77 36.28
CA ALA D 172 -26.99 -6.74 35.32
C ALA D 172 -26.03 -6.08 34.33
N MET D 173 -26.13 -4.77 34.10
CA MET D 173 -25.21 -4.09 33.21
C MET D 173 -23.85 -3.79 33.84
N LEU D 174 -23.71 -4.02 35.13
CA LEU D 174 -22.46 -3.68 35.80
C LEU D 174 -21.30 -4.36 35.11
N THR D 175 -20.34 -3.57 34.70
CA THR D 175 -19.19 -4.08 33.96
C THR D 175 -17.89 -3.84 34.68
N GLU D 176 -17.71 -2.66 35.29
CA GLU D 176 -16.45 -2.36 35.94
C GLU D 176 -16.74 -1.34 37.03
N ALA D 177 -16.03 -1.48 38.14
CA ALA D 177 -16.12 -0.49 39.21
C ALA D 177 -14.82 -0.50 39.98
N ASN D 178 -14.36 0.70 40.32
CA ASN D 178 -13.20 0.89 41.16
C ASN D 178 -13.40 2.20 41.91
N GLY D 179 -12.36 2.66 42.60
CA GLY D 179 -12.51 3.88 43.37
C GLY D 179 -12.71 5.15 42.54
N ASP D 180 -12.54 5.07 41.22
CA ASP D 180 -12.61 6.24 40.35
C ASP D 180 -13.88 6.32 39.51
N TYR D 181 -14.47 5.19 39.14
CA TYR D 181 -15.65 5.23 38.29
C TYR D 181 -16.33 3.87 38.34
N ILE D 182 -17.57 3.86 37.87
CA ILE D 182 -18.37 2.66 37.64
C ILE D 182 -18.83 2.72 36.19
N ILE D 183 -18.71 1.61 35.45
CA ILE D 183 -19.23 1.48 34.10
C ILE D 183 -20.35 0.47 34.10
N ARG D 184 -21.52 0.88 33.64
CA ARG D 184 -22.62 -0.02 33.32
C ARG D 184 -22.79 0.02 31.81
N ALA D 185 -22.73 -1.13 31.17
CA ALA D 185 -22.62 -1.14 29.71
C ALA D 185 -23.00 -2.50 29.17
N LYS D 186 -23.15 -2.57 27.84
CA LYS D 186 -23.40 -3.81 27.13
C LYS D 186 -22.69 -3.77 25.78
N THR D 187 -21.97 -4.86 25.47
CA THR D 187 -21.34 -5.03 24.17
C THR D 187 -22.32 -5.60 23.15
N GLY D 188 -21.99 -5.41 21.89
CA GLY D 188 -22.72 -6.04 20.81
C GLY D 188 -21.79 -6.36 19.68
N TYR D 189 -22.17 -7.38 18.91
CA TYR D 189 -21.38 -7.81 17.76
C TYR D 189 -22.38 -8.26 16.71
N SER D 190 -22.50 -7.48 15.64
CA SER D 190 -23.48 -7.72 14.59
C SER D 190 -22.75 -8.35 13.41
N THR D 191 -23.04 -9.63 13.14
CA THR D 191 -22.31 -10.39 12.15
C THR D 191 -23.17 -10.98 11.06
N ARG D 192 -24.50 -10.98 11.22
CA ARG D 192 -25.35 -11.73 10.30
C ARG D 192 -25.71 -10.94 9.05
N ILE D 193 -25.72 -9.62 9.15
CA ILE D 193 -26.09 -8.72 8.06
C ILE D 193 -25.00 -7.66 7.96
N GLU D 194 -24.54 -7.37 6.74
CA GLU D 194 -23.52 -6.35 6.57
C GLU D 194 -24.12 -4.97 6.85
N PRO D 195 -23.31 -4.02 7.33
CA PRO D 195 -21.89 -4.18 7.66
C PRO D 195 -21.65 -4.80 9.03
N LYS D 196 -20.67 -5.69 9.14
CA LYS D 196 -20.35 -6.24 10.44
C LYS D 196 -19.78 -5.13 11.33
N ILE D 197 -20.34 -4.97 12.52
CA ILE D 197 -19.91 -3.92 13.43
C ILE D 197 -19.87 -4.47 14.84
N GLY D 198 -19.11 -3.78 15.68
CA GLY D 198 -19.13 -4.00 17.12
C GLY D 198 -19.71 -2.77 17.80
N TRP D 199 -20.38 -2.99 18.92
CA TRP D 199 -21.01 -1.96 19.74
C TRP D 199 -20.44 -2.01 21.15
N TRP D 200 -20.41 -0.86 21.80
CA TRP D 200 -20.35 -0.81 23.27
C TRP D 200 -21.13 0.41 23.69
N VAL D 201 -22.18 0.21 24.50
CA VAL D 201 -23.05 1.30 24.93
C VAL D 201 -23.26 1.22 26.43
N GLY D 202 -23.35 2.39 27.07
CA GLY D 202 -23.56 2.42 28.50
C GLY D 202 -23.30 3.78 29.10
N TRP D 203 -22.75 3.79 30.31
CA TRP D 203 -22.38 5.05 30.93
C TRP D 203 -21.29 4.82 31.96
N VAL D 204 -20.62 5.92 32.28
CA VAL D 204 -19.58 6.01 33.29
C VAL D 204 -20.15 6.88 34.40
N GLU D 205 -20.28 6.32 35.60
CA GLU D 205 -20.72 7.07 36.76
C GLU D 205 -19.50 7.62 37.47
N LEU D 206 -19.49 8.93 37.67
CA LEU D 206 -18.48 9.58 38.49
C LEU D 206 -19.12 10.07 39.77
N ASP D 207 -18.29 10.57 40.68
CA ASP D 207 -18.81 11.11 41.92
C ASP D 207 -19.87 12.17 41.67
N ASP D 208 -19.63 13.04 40.68
CA ASP D 208 -20.39 14.28 40.50
C ASP D 208 -21.02 14.42 39.13
N ASN D 209 -21.00 13.38 38.31
CA ASN D 209 -21.49 13.48 36.94
C ASN D 209 -21.66 12.07 36.40
N VAL D 210 -22.39 11.98 35.29
CA VAL D 210 -22.53 10.75 34.53
C VAL D 210 -22.21 11.08 33.07
N TRP D 211 -21.36 10.27 32.45
CA TRP D 211 -21.05 10.37 31.03
C TRP D 211 -21.66 9.16 30.34
N PHE D 212 -22.67 9.40 29.54
CA PHE D 212 -23.21 8.32 28.72
C PHE D 212 -22.34 8.16 27.48
N PHE D 213 -22.24 6.93 26.98
CA PHE D 213 -21.46 6.69 25.78
C PHE D 213 -22.13 5.62 24.91
N ALA D 214 -21.88 5.75 23.61
CA ALA D 214 -22.28 4.73 22.65
C ALA D 214 -21.26 4.76 21.51
N MET D 215 -20.67 3.61 21.22
CA MET D 215 -19.70 3.51 20.15
C MET D 215 -20.03 2.31 19.28
N ASN D 216 -19.75 2.45 17.99
CA ASN D 216 -19.70 1.29 17.12
C ASN D 216 -18.54 1.47 16.15
N MET D 217 -18.09 0.34 15.60
CA MET D 217 -16.94 0.33 14.71
C MET D 217 -17.06 -0.85 13.77
N ASP D 218 -16.54 -0.68 12.54
CA ASP D 218 -16.52 -1.82 11.63
C ASP D 218 -15.73 -2.96 12.26
N MET D 219 -16.24 -4.17 12.11
CA MET D 219 -15.70 -5.36 12.76
C MET D 219 -15.70 -6.51 11.75
N PRO D 220 -14.80 -6.45 10.77
CA PRO D 220 -14.78 -7.51 9.74
C PRO D 220 -14.44 -8.89 10.27
N THR D 221 -13.66 -8.95 11.34
CA THR D 221 -13.34 -10.20 12.02
C THR D 221 -13.45 -10.00 13.52
N SER D 222 -13.57 -11.13 14.23
CA SER D 222 -13.67 -11.12 15.69
C SER D 222 -12.36 -10.72 16.35
N ASP D 223 -11.27 -10.60 15.58
CA ASP D 223 -9.97 -10.28 16.15
C ASP D 223 -9.98 -8.91 16.84
N GLY D 224 -10.80 -7.98 16.37
CA GLY D 224 -10.80 -6.63 16.86
C GLY D 224 -11.81 -6.32 17.94
N LEU D 225 -12.46 -7.32 18.50
CA LEU D 225 -13.55 -7.07 19.43
C LEU D 225 -13.09 -6.26 20.64
N GLY D 226 -11.89 -6.53 21.13
CA GLY D 226 -11.38 -5.78 22.28
C GLY D 226 -11.21 -4.31 22.03
N LEU D 227 -11.20 -3.89 20.76
CA LEU D 227 -11.08 -2.47 20.45
C LEU D 227 -12.33 -1.69 20.80
N ARG D 228 -13.49 -2.35 20.93
CA ARG D 228 -14.69 -1.63 21.35
C ARG D 228 -14.45 -0.91 22.66
N GLN D 229 -13.98 -1.64 23.67
CA GLN D 229 -13.72 -1.05 24.98
C GLN D 229 -12.43 -0.23 24.98
N ALA D 230 -11.41 -0.71 24.26
CA ALA D 230 -10.11 -0.04 24.31
C ALA D 230 -10.17 1.34 23.67
N ILE D 231 -10.82 1.45 22.50
CA ILE D 231 -10.93 2.76 21.85
C ILE D 231 -11.79 3.69 22.69
N THR D 232 -12.94 3.19 23.20
CA THR D 232 -13.77 4.01 24.08
C THR D 232 -12.96 4.55 25.26
N LYS D 233 -12.16 3.69 25.90
CA LYS D 233 -11.39 4.16 27.06
C LYS D 233 -10.30 5.14 26.68
N GLU D 234 -9.69 4.99 25.51
CA GLU D 234 -8.72 5.99 25.08
C GLU D 234 -9.37 7.36 24.91
N VAL D 235 -10.61 7.38 24.41
CA VAL D 235 -11.34 8.64 24.30
C VAL D 235 -11.67 9.18 25.69
N LEU D 236 -12.17 8.32 26.59
CA LEU D 236 -12.50 8.75 27.95
C LEU D 236 -11.28 9.29 28.68
N LYS D 237 -10.12 8.66 28.47
CA LYS D 237 -8.89 9.15 29.07
C LYS D 237 -8.48 10.49 28.45
N GLN D 238 -8.60 10.60 27.11
CA GLN D 238 -8.24 11.85 26.45
C GLN D 238 -9.05 13.02 27.00
N GLU D 239 -10.34 12.80 27.25
CA GLU D 239 -11.23 13.82 27.75
C GLU D 239 -11.21 13.94 29.28
N LYS D 240 -10.28 13.26 29.95
CA LYS D 240 -10.09 13.39 31.40
C LYS D 240 -11.31 12.94 32.18
N ILE D 241 -12.10 12.05 31.59
CA ILE D 241 -13.23 11.47 32.30
C ILE D 241 -12.78 10.35 33.23
N ILE D 242 -11.80 9.57 32.80
CA ILE D 242 -11.19 8.56 33.66
C ILE D 242 -9.68 8.78 33.63
N PRO D 243 -8.97 8.32 34.68
CA PRO D 243 -7.52 8.44 34.73
C PRO D 243 -6.84 7.59 33.65
CL CL E . 0.70 -30.89 -20.66
C1 EDO F . 12.07 -10.58 -10.92
O1 EDO F . 11.78 -11.94 -10.57
C2 EDO F . 10.83 -9.71 -10.73
O2 EDO F . 10.30 -9.87 -9.41
H11 EDO F . 12.88 -10.20 -10.30
H12 EDO F . 12.39 -10.53 -11.96
HO1 EDO F . 12.57 -12.48 -10.69
H21 EDO F . 11.09 -8.66 -10.89
H22 EDO F . 10.08 -9.99 -11.46
HO2 EDO F . 9.51 -9.31 -9.32
C1 EDO G . 8.04 -34.31 -33.08
O1 EDO G . 7.38 -35.49 -32.61
C2 EDO G . 7.01 -33.37 -33.71
O2 EDO G . 5.70 -33.95 -33.71
H11 EDO G . 8.54 -33.82 -32.26
H12 EDO G . 8.79 -34.59 -33.83
HO1 EDO G . 8.03 -36.09 -32.22
H21 EDO G . 6.99 -32.44 -33.16
H22 EDO G . 7.30 -33.15 -34.74
HO2 EDO G . 5.07 -33.34 -34.11
C1 EDO H . -4.03 -0.70 -35.52
O1 EDO H . -2.63 -0.92 -35.23
C2 EDO H . -4.38 -1.46 -36.80
O2 EDO H . -3.42 -2.52 -36.87
H11 EDO H . -4.23 0.36 -35.65
H12 EDO H . -4.65 -1.07 -34.69
HO1 EDO H . -2.40 -0.45 -34.42
H21 EDO H . -4.29 -0.81 -37.66
H22 EDO H . -5.39 -1.86 -36.74
HO2 EDO H . -3.59 -3.03 -37.67
C1 EDO I . 5.25 5.10 -27.17
O1 EDO I . 5.17 5.59 -28.51
C2 EDO I . 3.94 5.31 -26.43
O2 EDO I . 3.77 6.70 -26.10
H11 EDO I . 5.49 4.03 -27.19
H12 EDO I . 6.06 5.61 -26.64
HO1 EDO I . 6.01 5.44 -28.97
H21 EDO I . 3.10 4.98 -27.05
H22 EDO I . 3.93 4.72 -25.52
HO2 EDO I . 2.93 6.82 -25.63
C1 EDO J . 3.23 25.26 -31.51
O1 EDO J . 1.85 24.96 -31.41
C2 EDO J . 3.93 24.25 -32.40
O2 EDO J . 3.58 24.52 -33.76
H11 EDO J . 3.37 26.26 -31.91
H12 EDO J . 3.68 25.24 -30.51
HO1 EDO J . 1.41 25.61 -30.85
H21 EDO J . 3.62 23.23 -32.13
H22 EDO J . 5.02 24.33 -32.28
HO2 EDO J . 4.01 23.89 -34.34
N V7V K . 29.19 -14.92 9.11
N V7V K . 25.41 -15.60 4.70
C V7V K . 23.11 -9.22 11.59
C V7V K . 23.07 -9.44 11.69
O V7V K . 22.20 -8.58 12.17
O V7V K . 22.16 -8.77 12.24
C1 V7V K . 22.78 -10.56 11.00
C1 V7V K . 22.69 -10.75 11.06
C10 V7V K . 25.79 -13.52 9.71
C10 V7V K . 24.00 -14.01 7.74
C11 V7V K . 22.16 -13.01 9.83
C11 V7V K . 22.01 -13.16 9.84
C12 V7V K . 21.16 -12.24 10.41
C12 V7V K . 21.04 -12.41 10.49
C13 V7V K . 21.47 -11.02 10.99
C13 V7V K . 21.38 -11.21 11.10
C2 V7V K . 23.77 -11.34 10.42
C2 V7V K . 23.66 -11.52 10.41
C3 V7V K . 23.48 -12.56 9.82
C3 V7V K . 23.32 -12.72 9.78
C4 V7V K . 24.54 -13.34 9.11
C4 V7V K . 24.34 -13.45 8.98
C5 V7V K . 24.33 -13.82 7.83
C5 V7V K . 25.66 -13.56 9.41
C6 V7V K . 25.34 -14.47 7.14
C6 V7V K . 26.62 -14.15 8.61
C7 V7V K . 26.58 -14.64 7.73
C7 V7V K . 26.28 -14.65 7.37
C8 V7V K . 26.82 -14.17 9.01
C8 V7V K . 24.96 -14.59 6.93
C9 V7V K . 28.12 -14.36 9.66
C9 V7V K . 24.59 -15.13 5.61
N1 V7V K . 30.17 -14.89 10.04
N1 V7V K . 24.65 -15.94 3.62
N2 V7V K . 29.74 -14.32 11.13
N2 V7V K . 23.40 -15.69 3.86
N3 V7V K . 28.46 -13.99 10.89
N3 V7V K . 23.34 -15.18 5.11
O1 V7V K . 24.29 -8.80 11.47
O1 V7V K . 24.27 -9.08 11.62
H5 V7V K . 25.93 -13.15 10.71
H5 V7V K . 22.95 -13.94 7.44
H6 V7V K . 21.90 -13.97 9.38
H6 V7V K . 21.72 -14.11 9.38
H7 V7V K . 20.13 -12.60 10.41
H7 V7V K . 20.01 -12.77 10.53
H8 V7V K . 20.68 -10.42 11.44
H8 V7V K . 20.63 -10.62 11.61
H V7V K . 24.80 -10.98 10.44
H V7V K . 24.69 -11.16 10.39
H1 V7V K . 23.35 -13.70 7.36
H1 V7V K . 25.94 -13.16 10.38
H2 V7V K . 25.17 -14.85 6.14
H2 V7V K . 27.66 -14.21 8.95
H3 V7V K . 27.37 -15.15 7.19
H3 V7V K . 27.04 -15.12 6.75
H4 V7V K . 27.90 -13.53 11.61
H4 V7V K . 22.47 -14.90 5.53
C1 EDO L . 18.30 6.57 30.02
O1 EDO L . 17.08 7.23 30.39
C2 EDO L . 19.43 7.59 29.82
O2 EDO L . 19.25 8.32 28.59
H11 EDO L . 18.59 5.86 30.80
H12 EDO L . 18.15 6.01 29.10
HO1 EDO L . 16.38 6.56 30.52
H21 EDO L . 19.45 8.28 30.67
H22 EDO L . 20.39 7.06 29.80
HO2 EDO L . 19.98 8.95 28.49
C1 EDO M . 4.47 5.34 3.29
O1 EDO M . 5.72 5.46 2.62
C2 EDO M . 4.49 6.20 4.55
O2 EDO M . 3.20 6.14 5.18
H11 EDO M . 3.66 5.66 2.64
H12 EDO M . 4.31 4.29 3.56
HO1 EDO M . 5.71 4.92 1.81
H21 EDO M . 5.26 5.83 5.24
H22 EDO M . 4.73 7.23 4.28
HO2 EDO M . 3.22 6.69 5.98
N V7V N . -18.32 -15.72 15.17
N V7V N . -14.45 -14.67 19.14
C V7V N . -20.77 -9.33 21.93
C V7V N . -20.74 -9.64 22.14
O V7V N . -21.67 -8.68 22.51
O V7V N . -21.69 -9.02 22.67
C1 V7V N . -21.11 -10.69 21.38
C1 V7V N . -21.06 -10.93 21.42
C10 V7V N . -19.76 -13.97 18.11
C10 V7V N . -17.93 -13.57 19.88
C11 V7V N . -21.76 -13.16 20.30
C11 V7V N . -21.63 -13.28 20.06
C12 V7V N . -22.70 -12.43 20.99
C12 V7V N . -22.64 -12.59 20.70
C13 V7V N . -22.39 -11.20 21.52
C13 V7V N . -22.36 -11.42 21.38
C2 V7V N . -20.16 -11.42 20.69
C2 V7V N . -20.04 -11.64 20.78
C3 V7V N . -20.46 -12.66 20.14
C3 V7V N . -20.31 -12.82 20.08
C4 V7V N . -19.45 -13.42 19.36
C4 V7V N . -19.23 -13.53 19.36
C5 V7V N . -18.14 -13.54 19.82
C5 V7V N . -19.47 -14.14 18.13
C6 V7V N . -17.16 -14.17 19.06
C6 V7V N . -18.44 -14.75 17.43
C7 V7V N . -17.49 -14.69 17.82
C7 V7V N . -17.16 -14.76 17.94
C8 V7V N . -18.79 -14.61 17.34
C8 V7V N . -16.90 -14.17 19.17
C9 V7V N . -19.16 -15.18 16.03
C9 V7V N . -15.52 -14.16 19.71
N1 V7V N . -19.07 -16.08 14.09
N1 V7V N . -13.41 -14.43 19.97
N2 V7V N . -20.31 -15.77 14.27
N2 V7V N . -13.82 -13.78 21.02
N3 V7V N . -20.38 -15.20 15.49
N3 V7V N . -15.14 -13.61 20.87
O1 V7V N . -19.59 -8.91 21.77
O1 V7V N . -19.54 -9.26 22.15
H5 V7V N . -20.79 -13.89 17.78
H5 V7V N . -17.77 -13.10 20.84
H6 V7V N . -22.02 -14.14 19.89
H6 V7V N . -21.87 -14.20 19.52
H7 V7V N . -23.72 -12.84 21.11
H7 V7V N . -23.66 -12.97 20.66
H8 V7V N . -23.14 -10.62 22.06
H8 V7V N . -23.15 -10.87 21.88
H V7V N . -19.15 -11.01 20.59
H V7V N . -19.02 -11.26 20.83
H1 V7V N . -17.87 -13.14 20.80
H1 V7V N . -20.48 -14.14 17.72
H2 V7V N . -16.15 -14.26 19.43
H2 V7V N . -18.65 -15.23 16.47
H3 V7V N . -16.73 -15.18 17.22
H3 V7V N . -16.36 -15.24 17.38
H4 V7V N . -21.26 -14.88 15.87
H4 V7V N . -15.69 -13.12 21.57
CL CL O . -25.05 -2.44 41.19
C1 EDO P . -30.91 -22.29 26.24
O1 EDO P . -29.63 -22.88 26.49
C2 EDO P . -31.54 -21.84 27.56
O2 EDO P . -32.74 -21.10 27.32
H11 EDO P . -30.81 -21.44 25.58
H12 EDO P . -31.57 -23.02 25.76
HO1 EDO P . -29.23 -23.15 25.66
H21 EDO P . -31.77 -22.73 28.17
H22 EDO P . -30.83 -21.23 28.12
HO2 EDO P . -33.12 -20.83 28.16
C1 EDO Q . -22.43 -7.06 32.37
O1 EDO Q . -21.04 -7.30 32.10
C2 EDO Q . -23.03 -6.06 31.41
O2 EDO Q . -22.68 -6.34 30.06
H11 EDO Q . -22.98 -8.00 32.31
H12 EDO Q . -22.53 -6.70 33.39
HO1 EDO Q . -20.70 -7.95 32.73
H21 EDO Q . -24.12 -6.07 31.50
H22 EDO Q . -22.68 -5.05 31.67
HO2 EDO Q . -23.08 -5.67 29.48
#